data_9KOR
#
_entry.id   9KOR
#
_cell.length_a   1.00
_cell.length_b   1.00
_cell.length_c   1.00
_cell.angle_alpha   90.00
_cell.angle_beta   90.00
_cell.angle_gamma   90.00
#
_symmetry.space_group_name_H-M   'P 1'
#
loop_
_entity.id
_entity.type
_entity.pdbx_description
1 polymer 'CRISPR-associated endonuclease Cas9'
2 polymer 'RNA (131-MER)'
3 polymer 'DNA (25-mer)'
4 polymer 'DNA (25-MER)'
5 non-polymer 'MAGNESIUM ION'
#
loop_
_entity_poly.entity_id
_entity_poly.type
_entity_poly.pdbx_seq_one_letter_code
_entity_poly.pdbx_strand_id
1 'polypeptide(L)'
;HHHHHHVAGAGAGENLYFQGMTVKSTLAVDMGGRYTGIFSYTTDSGFPKAKEARAYVLNMPDNDALTYSMAARTQTRHRI
RSQQRFVLARRLTYILIEGKLKRKLSPREKEAISSLLRRRGYSRLESELDLSVLQGVESGFFKCFLPNFDEDENLLTQWT
SLTDGYLQNNSDSRRQIQIFLESSKDSKEFLTVVKSQHQDTKEYKNALKVMRDDAESMIEQSMFGHKHRRLYLEAIAQDI
PRDSRLKPIIEAFSGVEKFHHFIGNLSNLQLRALRWYFNDPSMKNNVFDKERLKSVLVRAYQFFHYPKDLTQQRAEVLNA
YEGATDILETLQTLNPELTIPPYEDQNNRRPPLDQTLWLSPRLLDQRYGDTWEIWVQNLLRSPLSKGIDENLDTILITTD
RKARLLERQSGRLIHYTSQKLYHSYVLQRLLDRTVENDAYLLKTLVSSNRGNSNEIHQAQERLTRDLGSQHIKKFLDFVR
QYYDEVDKAKRGLWFIVEKPLMERADIHPPMKNDSVILRLVGNILCVSDLVDLSFWTRKVKGQSTVRSLCTAIEKTRKEY
GNSFNYLYQRALYLQSKGKKLSAEDKDFIKLQSNVLLVSDVIAEALDIKEEQKKKFANPFSLAQLYNIIETEKSGFISTT
LAAVDENAWRNNLQGKARCVQLCADTVRPFDGALRNILDRQAYEIAKLKAEELLSTELKNQTIDLVVLLESNQFAFSASL
AEVKKSANTAAIRQKVAKAQKRQQDRWLSKDERIKSASRGLCPYTGKNLGDKGEVDHIIPRSLSMNYMGSILNSEANLIY
CSQEGAQLKLNGRKKLSDLADNYLKVVFGTADRGTICKYIEKSVSELTDAKIVQFELLDRSQQDAVRHALFLEDFSEARR
RIIRLLGKINTARVNGTQAWFAKSFITKLRELTKEWCANNQITLAFDLYRLDAQTVSQDYRKKFALINKDWAKPDDKKQP
IASHAIDAFCVFAAAKDKRNIANVLGVFDEVAEEQNLKTIAQLMPSEVNLISPKRKSILDKNEVGSRALMKEGIFAEHFL
PILVRGDDCRIGFDWSESGSVKVKDADKLFGVLDGLLKQSQKRSVNGFETYTVDRIKAFELLHDVFIRPCSQKMLEQAEV
LEKLHYITQNISVTSVYDAVNRQFKCREEILKDKDFDIKVDLGNRFGSAKGKITLPAKREWEKLVNRSELKNLIKDKLSD
KGSEKTPDGETLIYDIFRSIPVQKLSHKATRRVWSLPKIPSISSGVRIKRKDSNGNDIYQLYMLNDTKCKGFVVNEKGVI
DWSSDLVADLYKQPTLTILNGRYLKADQYVRMDQWYEVDCGRDDVIVKMCPGTSGRRYIEITQSKKQFEDWTGYISGSFW
NYPVTIKLSSQQIANFVKNSQMPLLGKPRSGQITVITLGNTLKYWYCVESKNSMMNEAYQKAYLVHFNQKRPAAT
;
A
2 'polyribonucleotide'
;GUGGGGCCACUAGGGACAGGAUGUUUCAGUUAUUCGUGAAAACGAAUGAAGUCACUCUUAAAGUGAGCUGAAAUCACUAA
AAAUUAAGAUUGAACCCGGCUACUGACUCUGUCAUCCGGGUUUACUUAUUU
;
B
3 'polydeoxyribonucleotide'
;(DG)(DT)(DG)(DG)(DG)(DG)(DC)(DC)(DA)(DC)(DT)(DA)(DG)(DG)(DG)(DA)(DC)(DA)(DG)(DG)
(DA)(DT)(DT)(DG)(DG)
;
C
4 'polydeoxyribonucleotide'
;(DC)(DC)(DA)(DA)(DT)(DC)(DC)(DT)(DG)(DT)(DC)(DC)(DC)(DT)(DA)(DG)(DT)(DG)(DG)(DC)
(DC)(DC)(DC)(DA)(DC)
;
D
#
loop_
_chem_comp.id
_chem_comp.type
_chem_comp.name
_chem_comp.formula
A RNA linking ADENOSINE-5'-MONOPHOSPHATE 'C10 H14 N5 O7 P'
C RNA linking CYTIDINE-5'-MONOPHOSPHATE 'C9 H14 N3 O8 P'
DA DNA linking 2'-DEOXYADENOSINE-5'-MONOPHOSPHATE 'C10 H14 N5 O6 P'
DC DNA linking 2'-DEOXYCYTIDINE-5'-MONOPHOSPHATE 'C9 H14 N3 O7 P'
DG DNA linking 2'-DEOXYGUANOSINE-5'-MONOPHOSPHATE 'C10 H14 N5 O7 P'
DT DNA linking THYMIDINE-5'-MONOPHOSPHATE 'C10 H15 N2 O8 P'
G RNA linking GUANOSINE-5'-MONOPHOSPHATE 'C10 H14 N5 O8 P'
MG non-polymer 'MAGNESIUM ION' 'Mg 2'
U RNA linking URIDINE-5'-MONOPHOSPHATE 'C9 H13 N2 O9 P'
#
# COMPACT_ATOMS: atom_id res chain seq x y z
N VAL A 23 -14.27 -36.19 18.15
CA VAL A 23 -14.23 -34.80 18.61
C VAL A 23 -14.18 -33.87 17.41
N LYS A 24 -15.11 -32.91 17.37
CA LYS A 24 -15.21 -31.94 16.29
C LYS A 24 -14.95 -30.54 16.82
N SER A 25 -14.34 -29.71 15.99
CA SER A 25 -13.93 -28.36 16.34
C SER A 25 -14.37 -27.38 15.27
N THR A 26 -15.64 -27.45 14.89
CA THR A 26 -16.17 -26.62 13.81
C THR A 26 -15.97 -25.13 14.11
N LEU A 27 -15.55 -24.39 13.08
CA LEU A 27 -15.34 -22.95 13.18
C LEU A 27 -15.88 -22.33 11.89
N ALA A 28 -17.06 -21.72 11.97
CA ALA A 28 -17.70 -21.10 10.81
C ALA A 28 -17.34 -19.63 10.76
N VAL A 29 -16.91 -19.17 9.59
CA VAL A 29 -16.47 -17.79 9.38
C VAL A 29 -17.35 -17.15 8.32
N ASP A 30 -17.93 -15.99 8.65
CA ASP A 30 -18.73 -15.26 7.68
C ASP A 30 -17.85 -14.55 6.66
N MET A 31 -16.73 -13.98 7.11
CA MET A 31 -15.78 -13.24 6.28
C MET A 31 -16.37 -11.93 5.77
N GLY A 32 -15.52 -10.93 5.57
CA GLY A 32 -15.98 -9.64 5.08
C GLY A 32 -14.80 -8.72 4.91
N GLY A 33 -15.10 -7.53 4.37
CA GLY A 33 -14.04 -6.55 4.15
C GLY A 33 -13.42 -6.07 5.44
N ARG A 34 -14.25 -5.73 6.42
CA ARG A 34 -13.78 -5.33 7.74
C ARG A 34 -14.33 -6.21 8.85
N TYR A 35 -15.64 -6.42 8.89
CA TYR A 35 -16.28 -7.13 9.99
C TYR A 35 -16.33 -8.62 9.67
N THR A 36 -15.76 -9.44 10.56
CA THR A 36 -15.69 -10.88 10.32
C THR A 36 -16.44 -11.62 11.43
N GLY A 37 -17.47 -12.38 11.07
CA GLY A 37 -18.22 -13.15 12.04
C GLY A 37 -17.67 -14.55 12.17
N ILE A 38 -17.51 -15.01 13.42
CA ILE A 38 -16.97 -16.32 13.71
C ILE A 38 -17.87 -17.00 14.73
N PHE A 39 -18.16 -18.29 14.51
CA PHE A 39 -18.85 -19.11 15.49
C PHE A 39 -18.07 -20.42 15.63
N SER A 40 -17.52 -20.66 16.80
CA SER A 40 -16.63 -21.79 17.01
C SER A 40 -17.01 -22.55 18.27
N TYR A 41 -16.74 -23.85 18.28
CA TYR A 41 -17.02 -24.69 19.44
C TYR A 41 -16.15 -25.93 19.38
N THR A 42 -16.07 -26.62 20.51
CA THR A 42 -15.45 -27.93 20.61
C THR A 42 -16.50 -28.91 21.13
N THR A 43 -16.71 -30.00 20.38
CA THR A 43 -17.79 -30.93 20.71
C THR A 43 -17.54 -31.62 22.04
N ASP A 44 -16.34 -32.16 22.23
CA ASP A 44 -15.94 -32.80 23.50
C ASP A 44 -16.88 -33.94 23.88
N SER A 45 -17.94 -33.63 24.62
CA SER A 45 -18.78 -34.67 25.20
C SER A 45 -19.46 -35.53 24.16
N GLY A 46 -19.69 -35.00 22.96
CA GLY A 46 -20.33 -35.80 21.93
C GLY A 46 -20.78 -34.96 20.75
N PHE A 47 -21.84 -35.43 20.11
CA PHE A 47 -22.36 -34.75 18.92
C PHE A 47 -22.96 -33.39 19.32
N PRO A 48 -23.02 -32.43 18.36
CA PRO A 48 -23.02 -31.01 18.75
C PRO A 48 -22.35 -30.67 20.07
N LYS A 49 -22.87 -29.67 20.78
CA LYS A 49 -22.16 -29.15 21.94
C LYS A 49 -23.14 -28.59 22.96
N ALA A 50 -22.64 -28.42 24.19
CA ALA A 50 -23.29 -27.70 25.28
C ALA A 50 -23.04 -26.21 25.14
N LYS A 51 -23.23 -25.46 26.23
CA LYS A 51 -22.98 -24.02 26.28
C LYS A 51 -21.56 -23.64 25.87
N GLU A 52 -20.69 -24.61 25.60
CA GLU A 52 -19.30 -24.35 25.24
C GLU A 52 -19.17 -23.47 24.00
N ALA A 53 -20.22 -23.40 23.16
CA ALA A 53 -20.14 -22.65 21.92
C ALA A 53 -19.82 -21.19 22.18
N ARG A 54 -19.08 -20.60 21.24
CA ARG A 54 -18.60 -19.22 21.34
C ARG A 54 -18.82 -18.49 20.03
N ALA A 55 -19.07 -17.19 20.13
CA ALA A 55 -19.26 -16.33 18.97
C ALA A 55 -18.37 -15.11 19.09
N TYR A 56 -17.74 -14.73 17.97
CA TYR A 56 -16.82 -13.60 17.94
C TYR A 56 -17.10 -12.75 16.71
N VAL A 57 -16.72 -11.47 16.81
CA VAL A 57 -16.73 -10.55 15.69
C VAL A 57 -15.38 -9.86 15.62
N LEU A 58 -14.86 -9.70 14.41
CA LEU A 58 -13.54 -9.14 14.16
C LEU A 58 -13.68 -7.77 13.52
N ASN A 59 -13.07 -6.77 14.14
CA ASN A 59 -13.16 -5.38 13.68
C ASN A 59 -12.39 -5.17 12.38
N MET A 60 -11.09 -5.51 12.39
CA MET A 60 -10.17 -5.28 11.29
C MET A 60 -10.22 -3.80 10.91
N PRO A 61 -9.63 -2.91 11.71
CA PRO A 61 -9.87 -1.48 11.53
C PRO A 61 -9.33 -0.89 10.24
N ASP A 62 -9.52 0.41 10.06
CA ASP A 62 -9.13 1.10 8.84
C ASP A 62 -7.62 1.14 8.70
N ASN A 63 -7.16 1.71 7.57
CA ASN A 63 -5.73 1.77 7.30
C ASN A 63 -5.01 2.70 8.27
N ASP A 64 -5.69 3.71 8.80
CA ASP A 64 -5.04 4.63 9.73
C ASP A 64 -4.82 4.01 11.09
N ALA A 65 -5.66 3.04 11.49
CA ALA A 65 -5.51 2.39 12.77
C ALA A 65 -4.59 1.17 12.69
N LEU A 66 -4.48 0.55 11.53
CA LEU A 66 -3.60 -0.60 11.33
C LEU A 66 -3.22 -0.59 9.85
N THR A 67 -2.03 -0.07 9.54
CA THR A 67 -1.66 0.18 8.16
C THR A 67 -1.45 -1.13 7.41
N TYR A 68 -2.07 -1.24 6.24
CA TYR A 68 -1.84 -2.36 5.33
C TYR A 68 -1.29 -1.90 3.99
N SER A 69 -1.75 -0.76 3.48
CA SER A 69 -1.25 -0.24 2.22
C SER A 69 0.13 0.37 2.43
N MET A 70 1.05 0.07 1.50
CA MET A 70 2.41 0.58 1.57
C MET A 70 2.59 1.88 0.79
N ALA A 71 1.50 2.50 0.34
CA ALA A 71 1.60 3.71 -0.48
C ALA A 71 2.29 4.83 0.27
N ALA A 72 1.89 5.07 1.52
CA ALA A 72 2.60 6.05 2.34
C ALA A 72 4.03 5.61 2.60
N ARG A 73 4.23 4.31 2.88
CA ARG A 73 5.57 3.81 3.14
C ARG A 73 6.47 3.95 1.92
N THR A 74 5.97 3.61 0.74
CA THR A 74 6.80 3.73 -0.46
C THR A 74 7.00 5.19 -0.86
N GLN A 75 6.02 6.05 -0.59
CA GLN A 75 6.21 7.48 -0.86
C GLN A 75 7.31 8.05 0.04
N THR A 76 7.29 7.68 1.33
CA THR A 76 8.37 8.10 2.22
C THR A 76 9.71 7.52 1.78
N ARG A 77 9.72 6.26 1.36
CA ARG A 77 10.95 5.64 0.90
C ARG A 77 11.51 6.36 -0.32
N HIS A 78 10.65 6.75 -1.26
CA HIS A 78 11.12 7.44 -2.45
C HIS A 78 11.50 8.89 -2.17
N ARG A 79 10.86 9.53 -1.19
CA ARG A 79 11.31 10.84 -0.75
C ARG A 79 12.72 10.76 -0.18
N ILE A 80 12.97 9.77 0.69
CA ILE A 80 14.30 9.57 1.24
C ILE A 80 15.28 9.20 0.12
N ARG A 81 14.81 8.42 -0.86
CA ARG A 81 15.65 8.04 -1.99
C ARG A 81 16.08 9.24 -2.80
N SER A 82 15.15 10.17 -3.06
CA SER A 82 15.51 11.39 -3.79
C SER A 82 16.46 12.27 -2.98
N GLN A 83 16.21 12.40 -1.68
CA GLN A 83 17.12 13.20 -0.85
C GLN A 83 18.51 12.60 -0.82
N GLN A 84 18.61 11.28 -0.68
CA GLN A 84 19.91 10.61 -0.66
C GLN A 84 20.56 10.65 -2.04
N ARG A 85 19.77 10.60 -3.11
CA ARG A 85 20.32 10.77 -4.45
C ARG A 85 20.99 12.12 -4.58
N PHE A 86 20.32 13.18 -4.13
CA PHE A 86 20.92 14.51 -4.20
C PHE A 86 22.16 14.59 -3.32
N VAL A 87 22.10 14.03 -2.12
CA VAL A 87 23.24 14.12 -1.20
C VAL A 87 24.44 13.37 -1.77
N LEU A 88 24.23 12.17 -2.31
CA LEU A 88 25.32 11.40 -2.87
C LEU A 88 25.85 12.02 -4.16
N ALA A 89 24.97 12.59 -4.97
CA ALA A 89 25.43 13.30 -6.17
C ALA A 89 26.30 14.50 -5.78
N ARG A 90 25.89 15.25 -4.76
CA ARG A 90 26.70 16.36 -4.29
C ARG A 90 28.04 15.87 -3.71
N ARG A 91 28.00 14.76 -2.97
CA ARG A 91 29.23 14.21 -2.41
C ARG A 91 30.21 13.80 -3.52
N LEU A 92 29.70 13.10 -4.53
CA LEU A 92 30.56 12.68 -5.63
C LEU A 92 31.07 13.88 -6.42
N THR A 93 30.21 14.88 -6.64
CA THR A 93 30.63 16.07 -7.37
C THR A 93 31.73 16.80 -6.62
N TYR A 94 31.59 16.95 -5.30
CA TYR A 94 32.64 17.57 -4.50
C TYR A 94 33.91 16.74 -4.54
N ILE A 95 33.78 15.42 -4.48
CA ILE A 95 34.94 14.54 -4.52
C ILE A 95 35.72 14.74 -5.82
N LEU A 96 35.01 14.73 -6.95
CA LEU A 96 35.69 14.86 -8.25
C LEU A 96 36.25 16.26 -8.45
N ILE A 97 35.52 17.29 -8.03
CA ILE A 97 36.00 18.65 -8.23
C ILE A 97 37.22 18.93 -7.35
N GLU A 98 37.23 18.42 -6.11
CA GLU A 98 38.41 18.54 -5.27
C GLU A 98 39.56 17.70 -5.81
N GLY A 99 39.25 16.55 -6.43
CA GLY A 99 40.31 15.75 -7.04
C GLY A 99 40.95 16.45 -8.21
N LYS A 100 40.16 17.21 -8.98
CA LYS A 100 40.74 17.95 -10.10
C LYS A 100 41.44 19.22 -9.62
N LEU A 101 40.92 19.86 -8.56
CA LEU A 101 41.51 21.11 -8.10
C LEU A 101 42.79 20.90 -7.31
N LYS A 102 42.95 19.75 -6.66
CA LYS A 102 44.00 19.54 -5.65
C LYS A 102 43.91 20.55 -4.51
N ARG A 103 42.70 20.99 -4.20
CA ARG A 103 42.47 21.89 -3.07
C ARG A 103 41.01 21.75 -2.63
N LYS A 104 40.78 22.00 -1.34
CA LYS A 104 39.44 21.84 -0.78
C LYS A 104 38.52 22.95 -1.25
N LEU A 105 37.25 22.60 -1.45
CA LEU A 105 36.27 23.57 -1.93
C LEU A 105 35.89 24.53 -0.82
N SER A 106 35.89 25.83 -1.14
CA SER A 106 35.39 26.83 -0.22
C SER A 106 33.87 26.72 -0.11
N PRO A 107 33.29 27.24 0.98
CA PRO A 107 31.82 27.21 1.10
C PRO A 107 31.09 27.87 -0.05
N ARG A 108 31.65 28.95 -0.63
CA ARG A 108 31.02 29.59 -1.78
C ARG A 108 31.02 28.66 -2.99
N GLU A 109 32.13 27.99 -3.26
CA GLU A 109 32.19 27.06 -4.38
C GLU A 109 31.24 25.88 -4.16
N LYS A 110 31.19 25.36 -2.93
CA LYS A 110 30.26 24.30 -2.61
C LYS A 110 28.82 24.75 -2.85
N GLU A 111 28.50 25.98 -2.43
CA GLU A 111 27.15 26.50 -2.61
C GLU A 111 26.80 26.64 -4.09
N ALA A 112 27.73 27.15 -4.90
CA ALA A 112 27.47 27.29 -6.33
C ALA A 112 27.30 25.93 -7.00
N ILE A 113 28.15 24.96 -6.65
CA ILE A 113 28.06 23.63 -7.25
C ILE A 113 26.72 22.99 -6.89
N SER A 114 26.30 23.12 -5.63
CA SER A 114 25.03 22.55 -5.23
C SER A 114 23.86 23.26 -5.89
N SER A 115 23.98 24.58 -6.09
CA SER A 115 22.96 25.31 -6.83
C SER A 115 22.83 24.76 -8.24
N LEU A 116 23.96 24.42 -8.87
CA LEU A 116 23.90 23.76 -10.17
C LEU A 116 23.23 22.39 -10.08
N LEU A 117 23.53 21.64 -9.02
CA LEU A 117 23.00 20.29 -8.90
C LEU A 117 21.54 20.25 -8.48
N ARG A 118 20.97 21.36 -8.04
CA ARG A 118 19.58 21.38 -7.59
C ARG A 118 18.62 21.54 -8.75
N ARG A 119 17.43 20.95 -8.58
CA ARG A 119 16.30 21.12 -9.50
C ARG A 119 16.64 20.67 -10.92
N ARG A 120 17.17 19.45 -11.03
CA ARG A 120 17.26 18.82 -12.34
C ARG A 120 15.86 18.38 -12.78
N GLY A 121 15.62 18.42 -14.08
CA GLY A 121 14.31 18.14 -14.61
C GLY A 121 13.94 16.67 -14.50
N TYR A 122 12.75 16.36 -14.99
CA TYR A 122 12.31 14.98 -15.07
C TYR A 122 12.96 14.29 -16.27
N SER A 123 12.98 12.96 -16.23
CA SER A 123 13.64 12.15 -17.24
C SER A 123 12.68 11.59 -18.28
N ARG A 124 11.42 12.00 -18.26
CA ARG A 124 10.44 11.49 -19.22
C ARG A 124 10.78 11.97 -20.63
N LEU A 125 10.26 11.24 -21.61
CA LEU A 125 10.47 11.60 -23.00
C LEU A 125 9.48 12.67 -23.44
N GLU A 126 10.00 13.75 -24.03
CA GLU A 126 9.19 14.88 -24.45
C GLU A 126 9.19 14.96 -25.97
N SER A 127 8.00 15.10 -26.55
CA SER A 127 7.83 15.23 -27.98
C SER A 127 7.56 16.68 -28.33
N GLU A 128 8.24 17.19 -29.37
CA GLU A 128 8.06 18.57 -29.78
C GLU A 128 6.66 18.78 -30.34
N LEU A 129 6.06 19.92 -29.99
CA LEU A 129 4.70 20.21 -30.38
C LEU A 129 4.66 20.75 -31.82
N ASP A 130 3.69 20.27 -32.60
CA ASP A 130 3.51 20.70 -33.98
C ASP A 130 2.38 21.72 -34.01
N LEU A 131 2.73 22.97 -33.71
CA LEU A 131 1.76 24.06 -33.67
C LEU A 131 1.33 24.52 -35.06
N SER A 132 2.08 24.15 -36.11
CA SER A 132 1.77 24.63 -37.46
C SER A 132 0.36 24.21 -37.89
N VAL A 133 -0.12 23.08 -37.38
CA VAL A 133 -1.46 22.62 -37.75
C VAL A 133 -2.53 23.62 -37.34
N LEU A 134 -2.24 24.49 -36.37
CA LEU A 134 -3.19 25.52 -35.98
C LEU A 134 -3.50 26.49 -37.13
N GLN A 135 -2.63 26.56 -38.14
CA GLN A 135 -2.92 27.39 -39.30
C GLN A 135 -4.00 26.80 -40.20
N GLY A 136 -4.39 25.54 -39.98
CA GLY A 136 -5.35 24.87 -40.81
C GLY A 136 -6.78 24.89 -40.34
N VAL A 137 -7.12 25.73 -39.35
CA VAL A 137 -8.47 25.78 -38.80
C VAL A 137 -8.91 27.23 -38.67
N GLU A 138 -10.23 27.41 -38.54
CA GLU A 138 -10.82 28.73 -38.35
C GLU A 138 -10.92 29.03 -36.86
N SER A 139 -10.47 30.23 -36.48
CA SER A 139 -10.44 30.60 -35.06
C SER A 139 -11.82 30.89 -34.50
N GLY A 140 -12.82 31.16 -35.35
CA GLY A 140 -14.14 31.49 -34.86
C GLY A 140 -14.76 30.37 -34.03
N PHE A 141 -14.58 29.13 -34.48
CA PHE A 141 -15.10 27.99 -33.73
C PHE A 141 -14.43 27.86 -32.37
N PHE A 142 -13.29 28.51 -32.15
CA PHE A 142 -12.62 28.52 -30.86
C PHE A 142 -13.05 29.67 -29.97
N LYS A 143 -14.01 30.49 -30.41
CA LYS A 143 -14.49 31.58 -29.58
C LYS A 143 -15.24 31.09 -28.35
N CYS A 144 -15.71 29.84 -28.36
CA CYS A 144 -16.33 29.28 -27.16
C CYS A 144 -15.31 29.12 -26.03
N PHE A 145 -14.06 28.78 -26.36
CA PHE A 145 -13.01 28.66 -25.36
C PHE A 145 -12.08 29.86 -25.33
N LEU A 146 -11.99 30.63 -26.42
CA LEU A 146 -11.16 31.81 -26.51
C LEU A 146 -12.02 32.97 -27.02
N PRO A 147 -12.85 33.56 -26.16
CA PRO A 147 -13.73 34.64 -26.62
C PRO A 147 -13.00 35.85 -27.16
N ASN A 148 -11.82 36.17 -26.63
CA ASN A 148 -11.07 37.33 -27.08
C ASN A 148 -10.50 37.16 -28.49
N PHE A 149 -10.48 35.95 -29.03
CA PHE A 149 -9.96 35.74 -30.38
C PHE A 149 -10.97 36.18 -31.43
N ASP A 150 -10.46 36.33 -32.66
CA ASP A 150 -11.29 36.74 -33.79
C ASP A 150 -10.90 35.93 -35.01
N GLU A 151 -11.68 36.09 -36.08
CA GLU A 151 -11.46 35.38 -37.34
C GLU A 151 -10.59 36.17 -38.31
N ASP A 152 -10.19 37.39 -37.95
CA ASP A 152 -9.44 38.24 -38.87
C ASP A 152 -7.96 37.89 -38.95
N GLU A 153 -7.46 37.03 -38.07
CA GLU A 153 -6.04 36.68 -38.05
C GLU A 153 -5.89 35.18 -37.90
N ASN A 154 -4.71 34.69 -38.29
CA ASN A 154 -4.41 33.27 -38.15
C ASN A 154 -4.39 32.88 -36.68
N LEU A 155 -4.87 31.66 -36.41
CA LEU A 155 -4.91 31.18 -35.02
C LEU A 155 -3.52 31.05 -34.43
N LEU A 156 -2.53 30.70 -35.26
CA LEU A 156 -1.17 30.53 -34.76
C LEU A 156 -0.61 31.83 -34.21
N THR A 157 -0.85 32.95 -34.92
CA THR A 157 -0.34 34.23 -34.45
C THR A 157 -0.95 34.63 -33.12
N GLN A 158 -2.26 34.49 -32.99
CA GLN A 158 -2.93 34.84 -31.74
C GLN A 158 -2.47 33.94 -30.60
N TRP A 159 -2.32 32.64 -30.87
CA TRP A 159 -1.86 31.71 -29.84
C TRP A 159 -0.43 32.03 -29.41
N THR A 160 0.45 32.35 -30.35
CA THR A 160 1.81 32.72 -30.01
C THR A 160 1.84 34.01 -29.19
N SER A 161 1.02 34.99 -29.56
CA SER A 161 0.94 36.22 -28.78
C SER A 161 0.44 35.95 -27.36
N LEU A 162 -0.57 35.11 -27.23
CA LEU A 162 -1.11 34.77 -25.91
C LEU A 162 -0.08 34.05 -25.06
N THR A 163 0.65 33.10 -25.65
CA THR A 163 1.68 32.39 -24.90
C THR A 163 2.82 33.32 -24.50
N ASP A 164 3.23 34.23 -25.39
CA ASP A 164 4.27 35.18 -25.05
C ASP A 164 3.83 36.12 -23.94
N GLY A 165 2.56 36.56 -23.97
CA GLY A 165 2.04 37.35 -22.87
C GLY A 165 2.01 36.59 -21.56
N TYR A 166 1.68 35.30 -21.62
CA TYR A 166 1.74 34.47 -20.42
C TYR A 166 3.17 34.38 -19.89
N LEU A 167 4.14 34.25 -20.79
CA LEU A 167 5.54 34.22 -20.36
C LEU A 167 5.95 35.55 -19.75
N GLN A 168 5.46 36.66 -20.31
CA GLN A 168 5.76 38.00 -19.81
C GLN A 168 4.86 38.40 -18.64
N ASN A 169 4.15 37.44 -18.03
CA ASN A 169 3.31 37.68 -16.87
C ASN A 169 2.24 38.73 -17.14
N ASN A 170 1.62 38.65 -18.32
CA ASN A 170 0.50 39.52 -18.63
C ASN A 170 -0.76 38.96 -17.99
N SER A 171 -1.39 39.76 -17.12
CA SER A 171 -2.53 39.27 -16.35
C SER A 171 -3.70 38.90 -17.27
N ASP A 172 -3.92 39.70 -18.31
CA ASP A 172 -4.97 39.36 -19.28
C ASP A 172 -4.67 38.04 -19.97
N SER A 173 -3.41 37.82 -20.35
CA SER A 173 -3.03 36.55 -20.96
C SER A 173 -3.18 35.39 -19.98
N ARG A 174 -2.83 35.62 -18.71
CA ARG A 174 -2.98 34.59 -17.69
C ARG A 174 -4.45 34.18 -17.55
N ARG A 175 -5.34 35.18 -17.46
CA ARG A 175 -6.76 34.87 -17.31
C ARG A 175 -7.33 34.23 -18.55
N GLN A 176 -6.86 34.65 -19.74
CA GLN A 176 -7.32 34.02 -20.97
C GLN A 176 -6.91 32.54 -21.01
N ILE A 177 -5.68 32.24 -20.61
CA ILE A 177 -5.22 30.85 -20.59
C ILE A 177 -6.04 30.05 -19.59
N GLN A 178 -6.30 30.62 -18.40
CA GLN A 178 -7.09 29.91 -17.40
C GLN A 178 -8.50 29.65 -17.90
N ILE A 179 -9.12 30.65 -18.54
CA ILE A 179 -10.47 30.48 -19.06
C ILE A 179 -10.51 29.42 -20.14
N PHE A 180 -9.54 29.43 -21.05
CA PHE A 180 -9.49 28.42 -22.10
C PHE A 180 -9.34 27.02 -21.50
N LEU A 181 -8.43 26.87 -20.52
CA LEU A 181 -8.20 25.57 -19.92
C LEU A 181 -9.44 25.06 -19.20
N GLU A 182 -10.14 25.95 -18.49
CA GLU A 182 -11.35 25.53 -17.78
C GLU A 182 -12.47 25.20 -18.75
N SER A 183 -12.62 25.97 -19.82
CA SER A 183 -13.75 25.80 -20.73
C SER A 183 -13.57 24.60 -21.66
N SER A 184 -12.34 24.33 -22.11
CA SER A 184 -12.09 23.29 -23.10
C SER A 184 -11.97 21.90 -22.48
N LYS A 185 -12.45 21.69 -21.25
CA LYS A 185 -12.43 20.36 -20.67
C LYS A 185 -13.32 19.40 -21.48
N ASP A 186 -14.48 19.88 -21.92
CA ASP A 186 -15.39 19.10 -22.75
C ASP A 186 -15.42 19.69 -24.15
N SER A 187 -15.16 18.85 -25.16
CA SER A 187 -15.08 19.29 -26.54
C SER A 187 -16.32 18.96 -27.35
N LYS A 188 -17.38 18.42 -26.71
CA LYS A 188 -18.58 18.05 -27.45
C LYS A 188 -19.24 19.27 -28.08
N GLU A 189 -19.34 20.38 -27.33
CA GLU A 189 -19.94 21.58 -27.88
C GLU A 189 -19.11 22.15 -29.02
N PHE A 190 -17.78 22.13 -28.88
CA PHE A 190 -16.91 22.62 -29.94
C PHE A 190 -17.01 21.75 -31.18
N LEU A 191 -17.08 20.42 -31.01
CA LEU A 191 -17.26 19.53 -32.15
C LEU A 191 -18.60 19.76 -32.83
N THR A 192 -19.66 19.99 -32.05
CA THR A 192 -20.95 20.30 -32.64
C THR A 192 -20.90 21.61 -33.42
N VAL A 193 -20.20 22.62 -32.87
CA VAL A 193 -20.09 23.91 -33.56
C VAL A 193 -19.35 23.76 -34.88
N VAL A 194 -18.24 23.01 -34.88
CA VAL A 194 -17.50 22.84 -36.13
C VAL A 194 -18.28 21.97 -37.11
N LYS A 195 -19.08 21.02 -36.61
CA LYS A 195 -19.90 20.19 -37.49
C LYS A 195 -21.04 21.01 -38.11
N SER A 196 -21.48 22.06 -37.43
CA SER A 196 -22.52 22.92 -37.98
C SER A 196 -22.08 23.55 -39.30
N GLN A 197 -20.78 23.71 -39.50
CA GLN A 197 -20.22 24.21 -40.76
C GLN A 197 -19.60 23.10 -41.60
N HIS A 198 -19.98 21.85 -41.34
CA HIS A 198 -19.50 20.68 -42.10
C HIS A 198 -17.99 20.52 -42.04
N GLN A 199 -17.35 21.07 -41.01
CA GLN A 199 -15.90 20.93 -40.87
C GLN A 199 -15.55 19.52 -40.39
N ASP A 200 -14.33 19.11 -40.70
CA ASP A 200 -13.86 17.80 -40.27
C ASP A 200 -13.62 17.81 -38.76
N THR A 201 -14.31 16.92 -38.05
CA THR A 201 -14.19 16.89 -36.60
C THR A 201 -12.81 16.44 -36.14
N LYS A 202 -12.19 15.52 -36.89
CA LYS A 202 -10.90 14.97 -36.49
C LYS A 202 -9.81 16.04 -36.52
N GLU A 203 -9.77 16.85 -37.57
CA GLU A 203 -8.73 17.88 -37.68
C GLU A 203 -8.87 18.92 -36.58
N TYR A 204 -10.09 19.38 -36.32
CA TYR A 204 -10.30 20.37 -35.27
C TYR A 204 -10.01 19.79 -33.89
N LYS A 205 -10.36 18.52 -33.69
CA LYS A 205 -10.03 17.86 -32.42
C LYS A 205 -8.52 17.77 -32.24
N ASN A 206 -7.79 17.45 -33.31
CA ASN A 206 -6.33 17.39 -33.22
C ASN A 206 -5.75 18.76 -32.91
N ALA A 207 -6.25 19.80 -33.56
CA ALA A 207 -5.76 21.15 -33.28
C ALA A 207 -6.05 21.56 -31.84
N LEU A 208 -7.26 21.24 -31.34
CA LEU A 208 -7.60 21.55 -29.96
C LEU A 208 -6.71 20.79 -28.99
N LYS A 209 -6.41 19.52 -29.30
CA LYS A 209 -5.51 18.75 -28.45
C LYS A 209 -4.11 19.36 -28.45
N VAL A 210 -3.66 19.83 -29.62
CA VAL A 210 -2.32 20.43 -29.71
C VAL A 210 -2.25 21.69 -28.86
N MET A 211 -3.26 22.56 -28.98
CA MET A 211 -3.24 23.80 -28.20
C MET A 211 -3.40 23.52 -26.71
N ARG A 212 -4.21 22.50 -26.35
CA ARG A 212 -4.32 22.11 -24.95
C ARG A 212 -2.98 21.61 -24.41
N ASP A 213 -2.27 20.80 -25.19
CA ASP A 213 -0.97 20.32 -24.76
C ASP A 213 0.01 21.48 -24.58
N ASP A 214 -0.02 22.45 -25.50
CA ASP A 214 0.86 23.61 -25.37
C ASP A 214 0.54 24.39 -24.09
N ALA A 215 -0.75 24.60 -23.83
CA ALA A 215 -1.14 25.33 -22.63
C ALA A 215 -0.73 24.59 -21.36
N GLU A 216 -0.93 23.27 -21.34
CA GLU A 216 -0.57 22.48 -20.17
C GLU A 216 0.94 22.48 -19.94
N SER A 217 1.73 22.36 -21.01
CA SER A 217 3.18 22.41 -20.88
C SER A 217 3.64 23.77 -20.37
N MET A 218 3.03 24.84 -20.89
CA MET A 218 3.37 26.19 -20.41
C MET A 218 3.05 26.35 -18.94
N ILE A 219 1.87 25.86 -18.52
CA ILE A 219 1.49 25.97 -17.11
C ILE A 219 2.43 25.16 -16.23
N GLU A 220 2.79 23.95 -16.66
CA GLU A 220 3.65 23.10 -15.86
C GLU A 220 5.05 23.70 -15.74
N GLN A 221 5.59 24.25 -16.83
CA GLN A 221 6.95 24.77 -16.79
C GLN A 221 7.01 26.13 -16.09
N SER A 222 5.98 26.95 -16.19
CA SER A 222 6.05 28.29 -15.63
C SER A 222 5.56 28.36 -14.19
N MET A 223 4.46 27.68 -13.87
CA MET A 223 3.84 27.88 -12.57
C MET A 223 4.21 26.76 -11.59
N PHE A 224 4.38 25.53 -12.07
CA PHE A 224 5.02 24.48 -11.28
C PHE A 224 6.53 24.49 -11.39
N GLY A 225 7.08 24.95 -12.51
CA GLY A 225 8.52 24.97 -12.69
C GLY A 225 9.17 23.61 -12.77
N HIS A 226 8.58 22.67 -13.53
CA HIS A 226 9.14 21.33 -13.62
C HIS A 226 10.36 21.27 -14.53
N LYS A 227 10.16 21.57 -15.83
CA LYS A 227 11.21 21.56 -16.84
C LYS A 227 11.73 20.16 -17.12
N HIS A 228 12.17 19.91 -18.35
CA HIS A 228 12.75 18.64 -18.72
C HIS A 228 14.22 18.59 -18.31
N ARG A 229 14.80 17.40 -18.37
CA ARG A 229 16.22 17.25 -18.05
C ARG A 229 17.08 18.00 -19.07
N ARG A 230 16.70 17.96 -20.34
CA ARG A 230 17.45 18.71 -21.35
C ARG A 230 17.30 20.22 -21.13
N LEU A 231 16.12 20.66 -20.72
CA LEU A 231 15.94 22.06 -20.36
C LEU A 231 16.80 22.43 -19.16
N TYR A 232 16.92 21.53 -18.19
CA TYR A 232 17.80 21.76 -17.05
C TYR A 232 19.26 21.88 -17.50
N LEU A 233 19.68 21.02 -18.43
CA LEU A 233 21.04 21.10 -18.95
C LEU A 233 21.29 22.42 -19.66
N GLU A 234 20.33 22.86 -20.47
CA GLU A 234 20.47 24.16 -21.12
C GLU A 234 20.53 25.29 -20.12
N ALA A 235 19.69 25.23 -19.08
CA ALA A 235 19.67 26.27 -18.07
C ALA A 235 21.01 26.35 -17.32
N ILE A 236 21.57 25.21 -16.94
CA ILE A 236 22.84 25.24 -16.24
C ILE A 236 23.97 25.65 -17.19
N ALA A 237 23.86 25.31 -18.48
CA ALA A 237 24.85 25.79 -19.44
C ALA A 237 24.81 27.31 -19.54
N GLN A 238 23.61 27.90 -19.51
CA GLN A 238 23.51 29.35 -19.54
C GLN A 238 23.95 29.99 -18.23
N ASP A 239 23.73 29.33 -17.11
CA ASP A 239 23.98 29.94 -15.80
C ASP A 239 25.40 29.75 -15.29
N ILE A 240 26.12 28.73 -15.76
CA ILE A 240 27.49 28.51 -15.27
C ILE A 240 28.40 29.70 -15.56
N PRO A 241 28.45 30.27 -16.77
CA PRO A 241 29.32 31.43 -16.99
C PRO A 241 28.98 32.64 -16.13
N ARG A 242 27.69 32.84 -15.83
CA ARG A 242 27.29 34.04 -15.09
C ARG A 242 27.67 33.95 -13.61
N ASP A 243 27.66 32.75 -13.04
CA ASP A 243 28.00 32.59 -11.63
C ASP A 243 29.50 32.72 -11.44
N SER A 244 29.93 33.73 -10.68
CA SER A 244 31.34 34.01 -10.51
C SER A 244 32.02 33.10 -9.50
N ARG A 245 31.25 32.49 -8.58
CA ARG A 245 31.85 31.59 -7.60
C ARG A 245 32.51 30.40 -8.26
N LEU A 246 32.15 30.10 -9.51
CA LEU A 246 32.72 29.00 -10.26
C LEU A 246 33.87 29.41 -11.16
N LYS A 247 34.29 30.68 -11.10
CA LYS A 247 35.40 31.12 -11.93
C LYS A 247 36.67 30.32 -11.72
N PRO A 248 37.10 30.01 -10.48
CA PRO A 248 38.24 29.07 -10.34
C PRO A 248 37.92 27.69 -10.88
N ILE A 249 36.73 27.16 -10.58
CA ILE A 249 36.36 25.81 -10.99
C ILE A 249 36.43 25.69 -12.51
N ILE A 250 35.79 26.62 -13.21
CA ILE A 250 35.82 26.63 -14.67
C ILE A 250 37.25 26.76 -15.17
N GLU A 251 38.09 27.48 -14.42
CA GLU A 251 39.51 27.59 -14.80
C GLU A 251 40.19 26.24 -14.73
N ALA A 252 39.87 25.43 -13.72
CA ALA A 252 40.47 24.11 -13.59
C ALA A 252 39.89 23.12 -14.58
N PHE A 253 38.65 23.32 -15.01
CA PHE A 253 38.00 22.42 -15.96
C PHE A 253 38.24 22.83 -17.41
N SER A 254 39.06 23.85 -17.64
CA SER A 254 39.50 24.24 -18.98
C SER A 254 38.33 24.60 -19.90
N GLY A 255 37.35 25.28 -19.36
CA GLY A 255 36.26 25.82 -20.14
C GLY A 255 34.90 25.59 -19.49
N VAL A 256 33.94 26.43 -19.89
CA VAL A 256 32.58 26.30 -19.38
C VAL A 256 31.93 25.03 -19.93
N GLU A 257 32.22 24.69 -21.18
CA GLU A 257 31.57 23.54 -21.81
C GLU A 257 31.91 22.24 -21.10
N LYS A 258 33.19 22.03 -20.77
CA LYS A 258 33.58 20.79 -20.11
C LYS A 258 33.02 20.70 -18.70
N PHE A 259 33.00 21.82 -17.97
CA PHE A 259 32.40 21.83 -16.64
C PHE A 259 30.91 21.54 -16.71
N HIS A 260 30.22 22.13 -17.68
CA HIS A 260 28.80 21.86 -17.86
C HIS A 260 28.56 20.39 -18.18
N HIS A 261 29.39 19.82 -19.06
CA HIS A 261 29.26 18.40 -19.39
C HIS A 261 29.47 17.53 -18.15
N PHE A 262 30.48 17.86 -17.35
CA PHE A 262 30.77 17.09 -16.14
C PHE A 262 29.61 17.16 -15.14
N ILE A 263 29.09 18.36 -14.91
CA ILE A 263 27.99 18.53 -13.96
C ILE A 263 26.74 17.82 -14.46
N GLY A 264 26.42 17.97 -15.75
CA GLY A 264 25.24 17.31 -16.29
C GLY A 264 25.35 15.81 -16.27
N ASN A 265 26.56 15.28 -16.52
CA ASN A 265 26.78 13.85 -16.46
C ASN A 265 26.59 13.33 -15.04
N LEU A 266 27.11 14.06 -14.05
CA LEU A 266 26.93 13.62 -12.66
C LEU A 266 25.47 13.70 -12.23
N SER A 267 24.78 14.78 -12.62
CA SER A 267 23.37 14.93 -12.24
C SER A 267 22.46 13.93 -12.94
N ASN A 268 22.94 13.25 -13.99
CA ASN A 268 22.15 12.24 -14.67
C ASN A 268 22.22 10.88 -13.97
N LEU A 269 23.12 10.70 -13.01
CA LEU A 269 23.25 9.43 -12.33
C LEU A 269 22.04 9.16 -11.46
N GLN A 270 21.56 7.91 -11.48
CA GLN A 270 20.44 7.51 -10.65
C GLN A 270 20.92 7.27 -9.22
N LEU A 271 19.97 6.98 -8.33
CA LEU A 271 20.33 6.74 -6.94
C LEU A 271 21.17 5.49 -6.80
N ARG A 272 20.85 4.43 -7.55
CA ARG A 272 21.58 3.18 -7.41
C ARG A 272 23.03 3.32 -7.85
N ALA A 273 23.31 4.11 -8.88
CA ALA A 273 24.68 4.32 -9.31
C ALA A 273 25.50 5.01 -8.21
N LEU A 274 24.91 5.99 -7.53
CA LEU A 274 25.58 6.67 -6.43
C LEU A 274 25.59 5.83 -5.16
N ARG A 275 24.67 4.89 -5.04
CA ARG A 275 24.68 3.95 -3.92
C ARG A 275 25.85 2.99 -4.05
N TRP A 276 26.07 2.47 -5.26
CA TRP A 276 27.36 1.87 -5.58
C TRP A 276 28.41 2.96 -5.57
N TYR A 277 29.68 2.61 -5.78
CA TYR A 277 30.80 3.51 -5.53
C TYR A 277 30.92 3.78 -4.04
N PHE A 278 29.95 4.51 -3.47
CA PHE A 278 29.98 4.82 -2.05
C PHE A 278 29.74 3.61 -1.16
N ASN A 279 29.30 2.48 -1.72
CA ASN A 279 29.07 1.28 -0.92
C ASN A 279 30.39 0.64 -0.53
N ASP A 280 31.13 1.27 0.38
CA ASP A 280 32.42 0.77 0.83
C ASP A 280 32.75 1.41 2.18
N PRO A 281 33.08 0.61 3.20
CA PRO A 281 33.41 1.19 4.51
C PRO A 281 34.63 2.09 4.49
N SER A 282 35.49 1.97 3.48
CA SER A 282 36.67 2.82 3.37
C SER A 282 36.37 4.18 2.77
N MET A 283 35.14 4.43 2.34
CA MET A 283 34.77 5.68 1.69
C MET A 283 34.06 6.66 2.63
N LYS A 284 34.13 6.43 3.95
CA LYS A 284 33.64 7.42 4.88
C LYS A 284 34.53 8.67 4.94
N ASN A 285 35.74 8.59 4.40
CA ASN A 285 36.64 9.73 4.29
C ASN A 285 36.59 10.36 2.90
N ASN A 286 35.71 9.88 2.03
CA ASN A 286 35.50 10.45 0.69
C ASN A 286 36.79 10.44 -0.13
N VAL A 287 37.29 9.24 -0.38
CA VAL A 287 38.48 9.03 -1.19
C VAL A 287 38.07 8.94 -2.65
N PHE A 288 38.91 9.48 -3.53
CA PHE A 288 38.64 9.49 -4.96
C PHE A 288 39.56 8.48 -5.65
N ASP A 289 38.96 7.53 -6.37
CA ASP A 289 39.70 6.59 -7.20
C ASP A 289 39.00 6.43 -8.54
N LYS A 290 39.79 6.46 -9.61
CA LYS A 290 39.21 6.47 -10.96
C LYS A 290 38.65 5.11 -11.35
N GLU A 291 39.30 4.03 -10.92
CA GLU A 291 38.88 2.69 -11.34
C GLU A 291 37.48 2.37 -10.83
N ARG A 292 37.21 2.68 -9.56
CA ARG A 292 35.89 2.43 -9.00
C ARG A 292 34.83 3.25 -9.71
N LEU A 293 35.15 4.53 -9.99
CA LEU A 293 34.19 5.38 -10.69
C LEU A 293 33.89 4.85 -12.08
N LYS A 294 34.92 4.41 -12.80
CA LYS A 294 34.67 3.85 -14.14
C LYS A 294 33.85 2.58 -14.06
N SER A 295 34.16 1.70 -13.10
CA SER A 295 33.40 0.46 -12.96
C SER A 295 31.93 0.75 -12.62
N VAL A 296 31.70 1.75 -11.78
CA VAL A 296 30.34 2.10 -11.40
C VAL A 296 29.59 2.71 -12.58
N LEU A 297 30.25 3.59 -13.34
CA LEU A 297 29.61 4.19 -14.50
C LEU A 297 29.33 3.15 -15.59
N VAL A 298 30.17 2.13 -15.70
CA VAL A 298 29.88 1.02 -16.61
C VAL A 298 28.71 0.20 -16.07
N ARG A 299 28.64 0.02 -14.75
CA ARG A 299 27.51 -0.69 -14.15
C ARG A 299 26.20 -0.01 -14.49
N ALA A 300 26.16 1.31 -14.36
CA ALA A 300 25.05 2.08 -14.90
C ALA A 300 25.15 2.12 -16.42
N TYR A 301 24.00 2.36 -17.06
CA TYR A 301 23.88 2.43 -18.51
C TYR A 301 24.04 1.04 -19.12
N GLN A 302 24.38 0.07 -18.28
CA GLN A 302 24.19 -1.34 -18.55
C GLN A 302 23.01 -1.90 -17.78
N PHE A 303 22.64 -1.23 -16.69
CA PHE A 303 21.43 -1.57 -15.95
C PHE A 303 20.17 -1.27 -16.76
N PHE A 304 20.19 -0.21 -17.55
CA PHE A 304 19.02 0.23 -18.28
C PHE A 304 18.75 -0.69 -19.47
N HIS A 305 17.46 -0.87 -19.78
CA HIS A 305 17.02 -1.51 -21.02
C HIS A 305 16.62 -0.39 -21.96
N TYR A 306 17.57 0.04 -22.79
CA TYR A 306 17.32 1.13 -23.72
C TYR A 306 16.28 0.72 -24.76
N PRO A 307 15.45 1.67 -25.22
CA PRO A 307 14.54 1.38 -26.32
C PRO A 307 15.30 1.04 -27.58
N LYS A 308 14.67 0.24 -28.45
CA LYS A 308 15.30 -0.14 -29.70
C LYS A 308 15.61 1.09 -30.55
N ASP A 309 14.68 2.05 -30.59
CA ASP A 309 14.94 3.29 -31.30
C ASP A 309 16.01 4.14 -30.61
N LEU A 310 16.28 3.91 -29.34
CA LEU A 310 17.26 4.69 -28.58
C LEU A 310 18.63 4.04 -28.56
N THR A 311 18.82 2.91 -29.24
CA THR A 311 20.16 2.37 -29.40
C THR A 311 20.99 3.29 -30.29
N GLN A 312 22.30 3.01 -30.32
CA GLN A 312 23.31 3.84 -30.97
C GLN A 312 23.54 5.11 -30.16
N GLN A 313 22.72 5.31 -29.14
CA GLN A 313 22.97 6.26 -28.07
C GLN A 313 23.45 5.56 -26.80
N ARG A 314 22.82 4.43 -26.46
CA ARG A 314 23.40 3.50 -25.50
C ARG A 314 24.81 3.11 -25.89
N ALA A 315 25.02 2.85 -27.19
CA ALA A 315 26.34 2.48 -27.66
C ALA A 315 27.35 3.60 -27.45
N GLU A 316 26.94 4.85 -27.71
CA GLU A 316 27.85 5.97 -27.51
C GLU A 316 28.28 6.10 -26.05
N VAL A 317 27.31 6.06 -25.14
CA VAL A 317 27.61 6.20 -23.72
C VAL A 317 28.48 5.05 -23.23
N LEU A 318 28.15 3.82 -23.63
CA LEU A 318 28.91 2.67 -23.18
C LEU A 318 30.33 2.68 -23.76
N ASN A 319 30.48 3.08 -25.02
CA ASN A 319 31.82 3.15 -25.60
C ASN A 319 32.63 4.27 -24.96
N ALA A 320 31.97 5.35 -24.52
CA ALA A 320 32.69 6.43 -23.85
C ALA A 320 33.13 6.00 -22.45
N TYR A 321 32.27 5.29 -21.71
CA TYR A 321 32.57 4.97 -20.33
C TYR A 321 33.49 3.75 -20.22
N GLU A 322 33.16 2.67 -20.93
CA GLU A 322 33.99 1.47 -20.87
C GLU A 322 35.39 1.71 -21.42
N GLY A 323 35.48 2.45 -22.52
CA GLY A 323 36.76 2.78 -23.12
C GLY A 323 37.46 3.97 -22.52
N ALA A 324 37.00 4.47 -21.38
CA ALA A 324 37.56 5.66 -20.77
C ALA A 324 38.91 5.33 -20.12
N THR A 325 39.96 6.04 -20.53
CA THR A 325 41.25 5.94 -19.89
C THR A 325 41.45 6.94 -18.76
N ASP A 326 40.51 7.88 -18.59
CA ASP A 326 40.61 8.89 -17.55
C ASP A 326 39.30 9.11 -16.80
N ILE A 327 38.18 8.59 -17.29
CA ILE A 327 36.83 8.67 -16.71
C ILE A 327 36.44 10.07 -16.24
N LEU A 328 37.36 10.80 -15.59
CA LEU A 328 37.07 12.18 -15.26
C LEU A 328 37.05 13.06 -16.51
N GLU A 329 37.97 12.82 -17.44
CA GLU A 329 37.95 13.52 -18.71
C GLU A 329 36.83 13.05 -19.60
N THR A 330 36.33 11.82 -19.40
CA THR A 330 35.20 11.33 -20.18
C THR A 330 33.90 11.98 -19.74
N LEU A 331 33.72 12.15 -18.44
CA LEU A 331 32.55 12.90 -17.96
C LEU A 331 32.58 14.34 -18.47
N GLN A 332 33.76 14.90 -18.64
CA GLN A 332 33.90 16.27 -19.14
C GLN A 332 33.64 16.37 -20.64
N THR A 333 33.76 15.27 -21.38
CA THR A 333 33.69 15.31 -22.82
C THR A 333 32.46 14.62 -23.40
N LEU A 334 31.74 13.83 -22.61
CA LEU A 334 30.53 13.17 -23.09
C LEU A 334 29.33 14.10 -22.94
N ASN A 335 28.48 14.11 -23.96
CA ASN A 335 27.33 14.99 -23.97
C ASN A 335 26.32 14.55 -22.91
N PRO A 336 25.94 15.42 -21.97
CA PRO A 336 24.98 15.01 -20.93
C PRO A 336 23.62 14.59 -21.48
N GLU A 337 23.25 15.04 -22.68
CA GLU A 337 21.99 14.64 -23.26
C GLU A 337 21.95 13.15 -23.61
N LEU A 338 23.13 12.54 -23.81
CA LEU A 338 23.18 11.12 -24.14
C LEU A 338 23.03 10.21 -22.93
N THR A 339 23.35 10.71 -21.73
CA THR A 339 23.33 9.90 -20.53
C THR A 339 22.05 10.05 -19.72
N ILE A 340 21.04 10.70 -20.27
CA ILE A 340 19.73 10.76 -19.63
C ILE A 340 19.17 9.34 -19.60
N PRO A 341 18.83 8.80 -18.43
CA PRO A 341 18.43 7.40 -18.36
C PRO A 341 17.12 7.17 -19.07
N PRO A 342 16.92 5.99 -19.66
CA PRO A 342 15.62 5.66 -20.25
C PRO A 342 14.59 5.35 -19.17
N TYR A 343 13.38 4.96 -19.58
CA TYR A 343 12.38 4.57 -18.62
C TYR A 343 12.79 3.29 -17.88
N GLU A 344 12.43 3.23 -16.60
CA GLU A 344 12.75 2.09 -15.76
C GLU A 344 11.72 0.99 -15.99
N ASP A 345 12.13 -0.09 -16.63
CA ASP A 345 11.26 -1.24 -16.89
C ASP A 345 11.67 -2.38 -15.95
N GLN A 346 10.98 -2.48 -14.82
CA GLN A 346 11.22 -3.55 -13.85
C GLN A 346 10.35 -4.76 -14.19
N ASN A 347 10.53 -5.26 -15.41
CA ASN A 347 9.73 -6.39 -15.89
C ASN A 347 10.12 -7.70 -15.23
N ASN A 348 11.35 -7.81 -14.73
CA ASN A 348 11.83 -9.01 -14.05
C ASN A 348 12.02 -8.78 -12.56
N ARG A 349 11.31 -7.80 -11.98
CA ARG A 349 11.50 -7.45 -10.58
C ARG A 349 11.09 -8.60 -9.66
N ARG A 350 10.00 -9.28 -9.99
CA ARG A 350 9.56 -10.44 -9.22
C ARG A 350 8.67 -11.33 -10.09
N PRO A 351 9.27 -12.25 -10.84
CA PRO A 351 8.46 -13.07 -11.76
C PRO A 351 7.51 -13.96 -10.98
N PRO A 352 6.35 -14.27 -11.56
CA PRO A 352 5.43 -15.19 -10.89
C PRO A 352 6.00 -16.60 -10.82
N LEU A 353 5.58 -17.34 -9.81
CA LEU A 353 5.98 -18.72 -9.63
C LEU A 353 4.94 -19.64 -10.25
N ASP A 354 5.40 -20.59 -11.07
CA ASP A 354 4.49 -21.52 -11.71
C ASP A 354 3.82 -22.38 -10.64
N GLN A 355 2.50 -22.53 -10.75
CA GLN A 355 1.71 -23.24 -9.74
C GLN A 355 1.37 -24.66 -10.17
N THR A 356 1.97 -25.17 -11.24
CA THR A 356 1.66 -26.49 -11.74
C THR A 356 2.07 -27.55 -10.71
N LEU A 357 1.22 -28.57 -10.56
CA LEU A 357 1.50 -29.69 -9.67
C LEU A 357 2.05 -30.85 -10.51
N TRP A 358 3.24 -31.32 -10.13
CA TRP A 358 3.99 -32.33 -10.87
C TRP A 358 4.15 -33.57 -10.00
N LEU A 359 3.89 -34.74 -10.58
CA LEU A 359 4.17 -35.98 -9.87
C LEU A 359 5.67 -36.07 -9.63
N SER A 360 6.09 -35.92 -8.38
CA SER A 360 7.50 -35.70 -8.06
C SER A 360 8.23 -37.02 -7.86
N PRO A 361 9.21 -37.36 -8.70
CA PRO A 361 10.01 -38.56 -8.42
C PRO A 361 10.78 -38.49 -7.12
N ARG A 362 11.04 -37.30 -6.59
CA ARG A 362 11.68 -37.18 -5.29
C ARG A 362 10.79 -37.75 -4.19
N LEU A 363 9.53 -37.30 -4.14
CA LEU A 363 8.62 -37.82 -3.13
C LEU A 363 8.22 -39.27 -3.42
N LEU A 364 8.13 -39.64 -4.69
CA LEU A 364 7.89 -41.04 -5.03
C LEU A 364 9.02 -41.93 -4.51
N ASP A 365 10.26 -41.48 -4.66
CA ASP A 365 11.38 -42.21 -4.06
C ASP A 365 11.23 -42.27 -2.55
N GLN A 366 11.05 -41.12 -1.91
CA GLN A 366 10.94 -41.08 -0.45
C GLN A 366 9.85 -42.00 0.08
N ARG A 367 8.80 -42.23 -0.72
CA ARG A 367 7.68 -43.03 -0.26
C ARG A 367 7.84 -44.51 -0.59
N TYR A 368 8.22 -44.85 -1.82
CA TYR A 368 8.18 -46.24 -2.28
C TYR A 368 9.54 -46.78 -2.71
N GLY A 369 10.65 -46.17 -2.29
CA GLY A 369 11.94 -46.71 -2.72
C GLY A 369 12.07 -46.68 -4.24
N ASP A 370 12.48 -47.82 -4.80
CA ASP A 370 12.67 -47.96 -6.24
C ASP A 370 11.42 -48.49 -6.93
N THR A 371 10.52 -49.12 -6.17
CA THR A 371 9.46 -49.94 -6.75
C THR A 371 8.50 -49.15 -7.62
N TRP A 372 8.39 -47.83 -7.45
CA TRP A 372 7.44 -47.08 -8.27
C TRP A 372 7.89 -47.05 -9.72
N GLU A 373 9.20 -46.91 -9.96
CA GLU A 373 9.71 -47.05 -11.31
C GLU A 373 9.51 -48.47 -11.84
N ILE A 374 9.52 -49.47 -10.96
CA ILE A 374 9.26 -50.85 -11.38
C ILE A 374 7.82 -50.98 -11.87
N TRP A 375 6.87 -50.42 -11.14
CA TRP A 375 5.48 -50.43 -11.62
C TRP A 375 5.35 -49.67 -12.93
N VAL A 376 6.06 -48.55 -13.08
CA VAL A 376 6.01 -47.79 -14.33
C VAL A 376 6.52 -48.64 -15.49
N GLN A 377 7.65 -49.33 -15.27
CA GLN A 377 8.23 -50.17 -16.31
C GLN A 377 7.28 -51.31 -16.67
N ASN A 378 6.64 -51.91 -15.68
CA ASN A 378 5.69 -52.99 -15.95
C ASN A 378 4.47 -52.48 -16.71
N LEU A 379 3.96 -51.31 -16.33
CA LEU A 379 2.80 -50.74 -16.99
C LEU A 379 3.10 -50.35 -18.43
N LEU A 380 4.33 -49.91 -18.70
CA LEU A 380 4.70 -49.50 -20.06
C LEU A 380 4.66 -50.67 -21.04
N ARG A 381 4.98 -51.88 -20.57
CA ARG A 381 5.07 -53.03 -21.46
C ARG A 381 3.71 -53.49 -21.98
N SER A 382 2.62 -53.14 -21.31
CA SER A 382 1.31 -53.57 -21.76
C SER A 382 0.95 -52.90 -23.08
N PRO A 383 0.29 -53.62 -23.99
CA PRO A 383 -0.11 -53.01 -25.27
C PRO A 383 -1.04 -51.82 -25.10
N LEU A 384 -1.86 -51.80 -24.05
CA LEU A 384 -2.77 -50.68 -23.83
C LEU A 384 -2.03 -49.39 -23.48
N SER A 385 -0.77 -49.48 -23.09
CA SER A 385 0.05 -48.31 -22.79
C SER A 385 0.93 -47.92 -23.98
N LYS A 386 0.53 -48.28 -25.19
CA LYS A 386 1.27 -47.91 -26.39
C LYS A 386 0.99 -46.46 -26.74
N GLY A 387 2.04 -45.69 -26.96
CA GLY A 387 1.89 -44.31 -27.37
C GLY A 387 1.62 -43.31 -26.27
N ILE A 388 1.80 -43.69 -25.01
CA ILE A 388 1.61 -42.75 -23.91
C ILE A 388 2.87 -41.97 -23.57
N ASP A 389 4.03 -42.40 -24.05
CA ASP A 389 5.28 -41.65 -23.93
C ASP A 389 5.65 -41.00 -25.26
N GLU A 390 4.66 -40.50 -25.98
CA GLU A 390 4.85 -40.12 -27.38
C GLU A 390 5.84 -38.96 -27.52
N ASN A 391 5.74 -37.96 -26.64
CA ASN A 391 6.55 -36.76 -26.77
C ASN A 391 7.42 -36.50 -25.54
N LEU A 392 7.66 -37.52 -24.71
CA LEU A 392 8.44 -37.32 -23.50
C LEU A 392 9.92 -37.05 -23.80
N ASP A 393 10.41 -37.47 -24.96
CA ASP A 393 11.81 -37.20 -25.31
C ASP A 393 12.05 -35.72 -25.54
N THR A 394 11.02 -34.97 -25.93
CA THR A 394 11.14 -33.55 -26.20
C THR A 394 10.59 -32.67 -25.07
N ILE A 395 9.87 -33.26 -24.12
CA ILE A 395 9.32 -32.49 -23.01
C ILE A 395 10.28 -32.47 -21.81
N LEU A 396 11.01 -33.56 -21.57
CA LEU A 396 11.86 -33.67 -20.40
C LEU A 396 13.06 -32.71 -20.42
N ILE A 397 13.35 -32.08 -21.57
CA ILE A 397 14.52 -31.22 -21.63
C ILE A 397 14.31 -29.92 -20.87
N THR A 398 13.07 -29.58 -20.54
CA THR A 398 12.75 -28.33 -19.85
C THR A 398 12.51 -28.61 -18.37
N THR A 399 13.26 -27.93 -17.50
CA THR A 399 13.06 -28.07 -16.07
C THR A 399 11.68 -27.55 -15.69
N ASP A 400 10.96 -28.32 -14.86
CA ASP A 400 9.59 -28.00 -14.52
C ASP A 400 9.35 -27.68 -13.05
N ARG A 401 10.23 -28.11 -12.14
CA ARG A 401 10.03 -27.87 -10.72
C ARG A 401 11.28 -27.23 -10.11
N LYS A 402 11.10 -26.69 -8.91
CA LYS A 402 12.21 -26.05 -8.20
C LYS A 402 13.26 -27.06 -7.80
N ALA A 403 12.85 -28.26 -7.37
CA ALA A 403 13.81 -29.27 -6.91
C ALA A 403 14.71 -29.72 -8.06
N ARG A 404 14.13 -29.92 -9.24
CA ARG A 404 14.95 -30.27 -10.41
C ARG A 404 15.91 -29.14 -10.74
N LEU A 405 15.46 -27.89 -10.60
CA LEU A 405 16.34 -26.75 -10.83
C LEU A 405 17.52 -26.76 -9.86
N LEU A 406 17.26 -27.01 -8.58
CA LEU A 406 18.34 -27.05 -7.60
C LEU A 406 19.29 -28.21 -7.87
N GLU A 407 18.75 -29.36 -8.26
CA GLU A 407 19.59 -30.51 -8.57
C GLU A 407 20.49 -30.22 -9.78
N ARG A 408 19.95 -29.55 -10.79
CA ARG A 408 20.75 -29.21 -11.96
C ARG A 408 21.79 -28.15 -11.64
N GLN A 409 21.44 -27.20 -10.77
CA GLN A 409 22.40 -26.20 -10.33
C GLN A 409 23.56 -26.85 -9.58
N SER A 410 23.25 -27.81 -8.71
CA SER A 410 24.29 -28.54 -7.99
C SER A 410 25.09 -29.47 -8.90
N GLY A 411 24.60 -29.74 -10.11
CA GLY A 411 25.32 -30.58 -11.04
C GLY A 411 25.33 -32.05 -10.70
N ARG A 412 24.38 -32.51 -9.90
CA ARG A 412 24.29 -33.92 -9.51
C ARG A 412 22.83 -34.33 -9.43
N LEU A 413 22.34 -34.96 -10.50
CA LEU A 413 20.96 -35.42 -10.55
C LEU A 413 20.87 -36.78 -9.87
N ILE A 414 20.08 -36.86 -8.80
CA ILE A 414 19.84 -38.10 -8.06
C ILE A 414 18.36 -38.46 -8.04
N HIS A 415 17.51 -37.52 -7.61
CA HIS A 415 16.08 -37.74 -7.60
C HIS A 415 15.41 -37.40 -8.92
N TYR A 416 16.05 -36.60 -9.76
CA TYR A 416 15.44 -36.05 -10.97
C TYR A 416 16.30 -36.33 -12.19
N THR A 417 16.75 -37.57 -12.33
CA THR A 417 17.45 -37.96 -13.55
C THR A 417 16.46 -38.04 -14.71
N SER A 418 17.00 -38.20 -15.92
CA SER A 418 16.15 -38.29 -17.10
C SER A 418 15.24 -39.51 -17.03
N GLN A 419 15.79 -40.65 -16.60
CA GLN A 419 14.97 -41.86 -16.48
C GLN A 419 13.89 -41.69 -15.42
N LYS A 420 14.24 -41.10 -14.28
CA LYS A 420 13.26 -40.90 -13.22
C LYS A 420 12.17 -39.93 -13.63
N LEU A 421 12.54 -38.85 -14.32
CA LEU A 421 11.56 -37.90 -14.82
C LEU A 421 10.64 -38.55 -15.85
N TYR A 422 11.21 -39.38 -16.74
CA TYR A 422 10.40 -40.09 -17.71
C TYR A 422 9.40 -41.02 -17.02
N HIS A 423 9.87 -41.75 -16.00
CA HIS A 423 8.98 -42.66 -15.29
C HIS A 423 7.87 -41.90 -14.58
N SER A 424 8.21 -40.77 -13.95
CA SER A 424 7.18 -39.97 -13.27
C SER A 424 6.16 -39.42 -14.26
N TYR A 425 6.62 -38.92 -15.41
CA TYR A 425 5.69 -38.42 -16.42
C TYR A 425 4.79 -39.52 -16.95
N VAL A 426 5.35 -40.71 -17.20
CA VAL A 426 4.55 -41.83 -17.67
C VAL A 426 3.51 -42.22 -16.63
N LEU A 427 3.93 -42.26 -15.35
CA LEU A 427 3.01 -42.61 -14.28
C LEU A 427 1.86 -41.61 -14.21
N GLN A 428 2.19 -40.31 -14.23
CA GLN A 428 1.15 -39.28 -14.16
C GLN A 428 0.22 -39.36 -15.35
N ARG A 429 0.75 -39.60 -16.55
CA ARG A 429 -0.09 -39.74 -17.73
C ARG A 429 -1.04 -40.93 -17.59
N LEU A 430 -0.52 -42.06 -17.11
CA LEU A 430 -1.37 -43.25 -16.97
C LEU A 430 -2.49 -43.03 -15.96
N LEU A 431 -2.18 -42.42 -14.81
CA LEU A 431 -3.23 -42.19 -13.81
C LEU A 431 -4.22 -41.12 -14.25
N ASP A 432 -3.83 -40.22 -15.15
CA ASP A 432 -4.70 -39.10 -15.53
C ASP A 432 -5.39 -39.32 -16.87
N ARG A 433 -5.36 -40.53 -17.42
CA ARG A 433 -5.99 -40.77 -18.71
C ARG A 433 -7.51 -40.58 -18.63
N THR A 434 -8.08 -40.07 -19.71
CA THR A 434 -9.51 -39.79 -19.77
C THR A 434 -10.30 -41.11 -19.75
N VAL A 435 -11.62 -40.97 -19.63
CA VAL A 435 -12.48 -42.14 -19.51
C VAL A 435 -12.43 -42.99 -20.78
N GLU A 436 -12.31 -42.33 -21.94
CA GLU A 436 -12.26 -43.07 -23.20
C GLU A 436 -10.95 -43.85 -23.33
N ASN A 437 -9.84 -43.25 -22.93
CA ASN A 437 -8.53 -43.87 -23.08
C ASN A 437 -8.12 -44.75 -21.90
N ASP A 438 -8.89 -44.74 -20.81
CA ASP A 438 -8.54 -45.52 -19.62
C ASP A 438 -9.17 -46.89 -19.74
N ALA A 439 -8.40 -47.87 -20.21
CA ALA A 439 -8.86 -49.24 -20.25
C ALA A 439 -8.84 -49.91 -18.88
N TYR A 440 -8.01 -49.42 -17.96
CA TYR A 440 -7.89 -49.98 -16.62
C TYR A 440 -8.90 -49.41 -15.64
N LEU A 441 -9.57 -48.32 -16.00
CA LEU A 441 -10.66 -47.74 -15.21
C LEU A 441 -10.22 -47.42 -13.78
N LEU A 442 -9.19 -46.59 -13.67
CA LEU A 442 -8.84 -46.05 -12.37
C LEU A 442 -9.86 -44.98 -11.97
N LYS A 443 -9.81 -44.59 -10.70
CA LYS A 443 -10.76 -43.68 -10.05
C LYS A 443 -12.09 -44.39 -9.82
N THR A 444 -12.22 -45.61 -10.33
CA THR A 444 -13.33 -46.51 -10.03
C THR A 444 -12.87 -47.87 -9.52
N LEU A 445 -11.80 -48.41 -10.08
CA LEU A 445 -11.17 -49.62 -9.56
C LEU A 445 -10.52 -49.40 -8.21
N VAL A 446 -10.31 -48.15 -7.80
CA VAL A 446 -9.63 -47.84 -6.56
C VAL A 446 -10.56 -47.20 -5.53
N SER A 447 -11.64 -46.56 -5.96
CA SER A 447 -12.54 -45.88 -5.03
C SER A 447 -13.08 -46.83 -3.98
N SER A 448 -13.19 -46.33 -2.74
CA SER A 448 -13.67 -47.16 -1.64
C SER A 448 -15.12 -47.58 -1.85
N ASN A 449 -15.90 -46.79 -2.58
CA ASN A 449 -17.29 -47.10 -2.87
C ASN A 449 -17.46 -47.78 -4.23
N ARG A 450 -16.48 -48.57 -4.64
CA ARG A 450 -16.53 -49.23 -5.94
C ARG A 450 -17.63 -50.28 -5.97
N GLY A 451 -18.13 -50.56 -7.17
CA GLY A 451 -19.12 -51.58 -7.39
C GLY A 451 -18.50 -52.93 -7.65
N ASN A 452 -19.31 -53.85 -8.20
CA ASN A 452 -18.86 -55.19 -8.52
C ASN A 452 -19.34 -55.61 -9.91
N SER A 453 -19.39 -54.68 -10.85
CA SER A 453 -19.83 -55.00 -12.20
C SER A 453 -18.75 -55.77 -12.95
N ASN A 454 -19.11 -56.27 -14.14
CA ASN A 454 -18.15 -57.00 -14.95
C ASN A 454 -17.02 -56.10 -15.45
N GLU A 455 -17.30 -54.81 -15.64
CA GLU A 455 -16.25 -53.91 -16.10
C GLU A 455 -15.14 -53.78 -15.07
N ILE A 456 -15.48 -53.72 -13.79
CA ILE A 456 -14.46 -53.62 -12.75
C ILE A 456 -13.62 -54.88 -12.71
N HIS A 457 -14.25 -56.05 -12.81
CA HIS A 457 -13.51 -57.31 -12.79
C HIS A 457 -12.60 -57.44 -14.00
N GLN A 458 -13.08 -57.05 -15.18
CA GLN A 458 -12.25 -57.15 -16.37
C GLN A 458 -11.14 -56.11 -16.38
N ALA A 459 -11.35 -54.96 -15.72
CA ALA A 459 -10.27 -54.00 -15.56
C ALA A 459 -9.22 -54.51 -14.58
N GLN A 460 -9.67 -55.17 -13.50
CA GLN A 460 -8.73 -55.78 -12.57
C GLN A 460 -7.92 -56.88 -13.26
N GLU A 461 -8.57 -57.67 -14.11
CA GLU A 461 -7.85 -58.69 -14.86
C GLU A 461 -6.89 -58.07 -15.87
N ARG A 462 -7.30 -56.99 -16.52
CA ARG A 462 -6.39 -56.26 -17.39
C ARG A 462 -5.23 -55.66 -16.59
N LEU A 463 -5.53 -55.12 -15.42
CA LEU A 463 -4.48 -54.74 -14.49
C LEU A 463 -3.83 -56.00 -13.90
N THR A 464 -2.75 -55.80 -13.16
CA THR A 464 -1.97 -56.80 -12.41
C THR A 464 -1.56 -57.96 -13.30
N ARG A 465 -1.78 -57.83 -14.61
CA ARG A 465 -1.21 -58.74 -15.60
C ARG A 465 0.17 -58.29 -16.02
N ASP A 466 0.44 -56.99 -15.89
CA ASP A 466 1.75 -56.39 -16.11
C ASP A 466 2.42 -55.97 -14.81
N LEU A 467 1.70 -55.22 -13.97
CA LEU A 467 2.26 -54.74 -12.71
C LEU A 467 2.61 -55.89 -11.78
N GLY A 468 1.75 -56.89 -11.70
CA GLY A 468 1.97 -58.02 -10.82
C GLY A 468 1.15 -57.96 -9.55
N SER A 469 0.65 -59.11 -9.10
CA SER A 469 -0.18 -59.16 -7.91
C SER A 469 0.61 -59.12 -6.62
N GLN A 470 1.94 -59.18 -6.68
CA GLN A 470 2.74 -59.15 -5.47
C GLN A 470 2.75 -57.76 -4.83
N HIS A 471 2.61 -56.71 -5.64
CA HIS A 471 2.60 -55.33 -5.14
C HIS A 471 1.47 -54.54 -5.77
N ILE A 472 0.33 -55.19 -6.02
CA ILE A 472 -0.85 -54.49 -6.50
C ILE A 472 -1.42 -53.59 -5.40
N LYS A 473 -1.38 -54.06 -4.15
CA LYS A 473 -1.94 -53.29 -3.06
C LYS A 473 -1.22 -51.95 -2.87
N LYS A 474 0.11 -51.96 -2.95
CA LYS A 474 0.87 -50.73 -2.81
C LYS A 474 0.54 -49.75 -3.94
N PHE A 475 0.43 -50.25 -5.17
CA PHE A 475 0.10 -49.38 -6.28
C PHE A 475 -1.30 -48.80 -6.13
N LEU A 476 -2.26 -49.60 -5.65
CA LEU A 476 -3.61 -49.09 -5.47
C LEU A 476 -3.68 -48.07 -4.34
N ASP A 477 -2.90 -48.28 -3.28
CA ASP A 477 -2.82 -47.26 -2.22
C ASP A 477 -2.22 -45.97 -2.76
N PHE A 478 -1.17 -46.08 -3.57
CA PHE A 478 -0.59 -44.91 -4.22
C PHE A 478 -1.62 -44.20 -5.09
N VAL A 479 -2.39 -44.96 -5.86
CA VAL A 479 -3.39 -44.38 -6.74
C VAL A 479 -4.47 -43.66 -5.92
N ARG A 480 -4.92 -44.29 -4.83
CA ARG A 480 -5.93 -43.65 -3.99
C ARG A 480 -5.43 -42.35 -3.40
N GLN A 481 -4.20 -42.36 -2.87
CA GLN A 481 -3.66 -41.13 -2.31
C GLN A 481 -3.49 -40.05 -3.37
N TYR A 482 -3.00 -40.43 -4.55
CA TYR A 482 -2.80 -39.47 -5.63
C TYR A 482 -4.12 -38.84 -6.06
N TYR A 483 -5.14 -39.67 -6.29
CA TYR A 483 -6.44 -39.13 -6.71
C TYR A 483 -7.07 -38.27 -5.62
N ASP A 484 -6.92 -38.68 -4.35
CA ASP A 484 -7.45 -37.87 -3.25
C ASP A 484 -6.80 -36.49 -3.26
N GLU A 485 -5.47 -36.44 -3.42
CA GLU A 485 -4.78 -35.16 -3.31
C GLU A 485 -5.01 -34.29 -4.56
N VAL A 486 -5.15 -34.90 -5.74
CA VAL A 486 -5.51 -34.08 -6.90
C VAL A 486 -6.95 -33.59 -6.80
N ASP A 487 -7.84 -34.35 -6.17
CA ASP A 487 -9.19 -33.87 -5.93
C ASP A 487 -9.18 -32.69 -4.96
N LYS A 488 -8.33 -32.77 -3.93
CA LYS A 488 -8.18 -31.64 -3.02
C LYS A 488 -7.60 -30.43 -3.74
N ALA A 489 -6.66 -30.66 -4.66
CA ALA A 489 -6.10 -29.56 -5.45
C ALA A 489 -7.15 -28.92 -6.34
N LYS A 490 -8.02 -29.73 -6.95
CA LYS A 490 -9.09 -29.19 -7.78
C LYS A 490 -10.06 -28.34 -6.96
N ARG A 491 -10.14 -28.59 -5.66
CA ARG A 491 -10.95 -27.79 -4.75
C ARG A 491 -10.21 -26.56 -4.23
N GLY A 492 -8.94 -26.38 -4.61
CA GLY A 492 -8.16 -25.24 -4.18
C GLY A 492 -7.56 -25.36 -2.80
N LEU A 493 -7.52 -26.57 -2.23
CA LEU A 493 -7.03 -26.80 -0.87
C LEU A 493 -6.03 -27.95 -0.84
N TRP A 494 -5.08 -27.91 -1.78
CA TRP A 494 -4.04 -28.93 -1.84
C TRP A 494 -3.08 -28.86 -0.65
N PHE A 495 -3.05 -27.72 0.06
CA PHE A 495 -2.13 -27.54 1.17
C PHE A 495 -2.50 -28.40 2.38
N ILE A 496 -3.73 -28.90 2.44
CA ILE A 496 -4.21 -29.61 3.63
C ILE A 496 -3.63 -31.01 3.75
N VAL A 497 -3.13 -31.58 2.65
CA VAL A 497 -2.83 -33.01 2.61
C VAL A 497 -1.80 -33.41 3.67
N GLU A 498 -0.92 -32.49 4.07
CA GLU A 498 0.10 -32.68 5.11
C GLU A 498 1.18 -33.67 4.71
N LYS A 499 1.05 -34.33 3.56
CA LYS A 499 2.07 -35.27 3.08
C LYS A 499 1.96 -35.29 1.57
N PRO A 500 2.47 -34.26 0.89
CA PRO A 500 2.29 -34.19 -0.56
C PRO A 500 3.07 -35.26 -1.27
N LEU A 501 2.45 -35.83 -2.32
CA LEU A 501 3.15 -36.67 -3.26
C LEU A 501 3.37 -35.98 -4.60
N MET A 502 2.61 -34.93 -4.88
CA MET A 502 2.94 -34.00 -5.95
C MET A 502 3.82 -32.87 -5.42
N GLU A 503 4.30 -32.05 -6.34
CA GLU A 503 5.22 -30.97 -6.00
C GLU A 503 4.89 -29.76 -6.87
N ARG A 504 4.78 -28.61 -6.23
CA ARG A 504 4.51 -27.38 -6.99
C ARG A 504 5.76 -26.98 -7.75
N ALA A 505 5.56 -26.40 -8.94
CA ALA A 505 6.69 -26.00 -9.77
C ALA A 505 7.58 -24.98 -9.06
N ASP A 506 7.00 -23.83 -8.70
CA ASP A 506 7.72 -22.76 -7.99
C ASP A 506 8.98 -22.32 -8.73
N ILE A 507 8.87 -22.18 -10.05
CA ILE A 507 9.93 -21.62 -10.87
C ILE A 507 9.29 -20.67 -11.89
N HIS A 508 10.06 -19.68 -12.32
CA HIS A 508 9.50 -18.64 -13.17
C HIS A 508 9.26 -19.17 -14.58
N PRO A 509 8.10 -18.87 -15.16
CA PRO A 509 7.91 -19.12 -16.60
C PRO A 509 8.55 -18.03 -17.42
N PRO A 510 8.74 -18.24 -18.72
CA PRO A 510 9.21 -17.15 -19.59
C PRO A 510 8.06 -16.26 -20.03
N MET A 511 8.42 -15.05 -20.49
CA MET A 511 7.41 -14.11 -20.97
C MET A 511 7.37 -14.10 -22.49
N LYS A 512 6.68 -15.10 -23.05
CA LYS A 512 6.07 -15.03 -24.38
C LYS A 512 7.07 -14.66 -25.47
N ASN A 513 8.21 -15.34 -25.48
CA ASN A 513 9.18 -15.14 -26.55
C ASN A 513 8.77 -15.95 -27.78
N ASP A 514 9.61 -15.90 -28.82
CA ASP A 514 9.23 -16.51 -30.11
C ASP A 514 9.03 -18.01 -29.96
N SER A 515 9.93 -18.69 -29.25
CA SER A 515 9.75 -20.12 -29.02
C SER A 515 8.46 -20.40 -28.25
N VAL A 516 8.12 -19.52 -27.32
CA VAL A 516 6.82 -19.61 -26.66
C VAL A 516 5.70 -19.32 -27.65
N ILE A 517 5.93 -18.37 -28.56
CA ILE A 517 4.88 -17.96 -29.50
C ILE A 517 4.48 -19.13 -30.40
N LEU A 518 5.47 -19.91 -30.86
CA LEU A 518 5.16 -20.98 -31.80
C LEU A 518 4.20 -22.00 -31.20
N ARG A 519 4.36 -22.30 -29.90
CA ARG A 519 3.47 -23.26 -29.25
C ARG A 519 2.22 -22.62 -28.65
N LEU A 520 2.19 -21.30 -28.47
CA LEU A 520 0.93 -20.66 -28.10
C LEU A 520 -0.03 -20.58 -29.28
N VAL A 521 0.48 -20.45 -30.51
CA VAL A 521 -0.38 -20.59 -31.69
C VAL A 521 -0.61 -22.04 -32.05
N GLY A 522 0.02 -22.97 -31.34
CA GLY A 522 -0.29 -24.38 -31.53
C GLY A 522 -1.73 -24.70 -31.16
N ASN A 523 -2.20 -24.15 -30.05
CA ASN A 523 -3.62 -24.22 -29.72
C ASN A 523 -4.39 -23.27 -30.63
N ILE A 524 -5.70 -23.15 -30.37
CA ILE A 524 -6.62 -22.37 -31.20
C ILE A 524 -6.64 -22.96 -32.60
N LEU A 525 -5.51 -22.86 -33.32
CA LEU A 525 -5.37 -23.46 -34.64
C LEU A 525 -5.27 -24.98 -34.59
N CYS A 526 -5.04 -25.56 -33.41
CA CYS A 526 -4.95 -27.01 -33.24
C CYS A 526 -3.84 -27.60 -34.11
N VAL A 527 -2.61 -27.20 -33.83
CA VAL A 527 -1.43 -27.63 -34.57
C VAL A 527 -0.53 -28.41 -33.63
N SER A 528 0.05 -29.50 -34.14
CA SER A 528 0.85 -30.40 -33.31
C SER A 528 2.30 -29.93 -33.20
N ASP A 529 2.98 -29.80 -34.33
CA ASP A 529 4.42 -29.54 -34.37
C ASP A 529 4.72 -28.30 -35.19
N LEU A 530 4.01 -27.21 -34.91
CA LEU A 530 4.23 -25.95 -35.63
C LEU A 530 5.62 -25.44 -35.28
N VAL A 531 6.58 -25.66 -36.19
CA VAL A 531 7.92 -25.13 -35.98
C VAL A 531 7.98 -23.66 -36.35
N ASP A 532 7.39 -23.30 -37.49
CA ASP A 532 7.30 -21.89 -37.88
C ASP A 532 5.89 -21.58 -38.36
N LEU A 533 5.45 -20.38 -38.01
CA LEU A 533 4.19 -19.81 -38.45
C LEU A 533 4.27 -19.45 -39.95
N SER A 534 4.17 -20.50 -40.78
CA SER A 534 4.22 -20.34 -42.24
C SER A 534 2.95 -19.69 -42.79
N PHE A 535 1.82 -19.87 -42.11
CA PHE A 535 0.56 -19.28 -42.55
C PHE A 535 0.55 -17.76 -42.44
N TRP A 536 1.54 -17.19 -41.77
CA TRP A 536 1.65 -15.76 -41.56
C TRP A 536 2.75 -15.11 -42.37
N THR A 537 3.77 -15.88 -42.78
CA THR A 537 4.95 -15.28 -43.40
C THR A 537 5.07 -15.56 -44.89
N ARG A 538 4.61 -16.72 -45.36
CA ARG A 538 4.81 -17.09 -46.75
C ARG A 538 3.79 -16.46 -47.68
N LYS A 539 2.82 -15.72 -47.14
CA LYS A 539 1.86 -14.93 -47.92
C LYS A 539 1.09 -15.80 -48.90
N VAL A 540 0.27 -16.68 -48.31
CA VAL A 540 -0.56 -17.59 -49.11
C VAL A 540 -1.53 -16.78 -49.98
N LYS A 541 -2.04 -15.67 -49.45
CA LYS A 541 -3.00 -14.85 -50.18
C LYS A 541 -2.51 -13.42 -50.31
N GLY A 542 -1.25 -13.27 -50.73
CA GLY A 542 -0.68 -11.95 -50.93
C GLY A 542 -0.27 -11.28 -49.62
N GLN A 543 -0.01 -9.98 -49.73
CA GLN A 543 0.40 -9.21 -48.56
C GLN A 543 -0.73 -9.05 -47.54
N SER A 544 -1.98 -9.23 -47.97
CA SER A 544 -3.13 -9.16 -47.08
C SER A 544 -3.44 -10.50 -46.42
N THR A 545 -2.45 -11.39 -46.31
CA THR A 545 -2.68 -12.73 -45.80
C THR A 545 -2.95 -12.68 -44.30
N VAL A 546 -4.21 -12.91 -43.92
CA VAL A 546 -4.62 -13.17 -42.54
C VAL A 546 -4.40 -11.96 -41.65
N ARG A 547 -3.20 -11.38 -41.67
CA ARG A 547 -2.83 -10.38 -40.68
C ARG A 547 -3.72 -9.14 -40.76
N SER A 548 -4.02 -8.66 -41.98
CA SER A 548 -4.85 -7.47 -42.12
C SER A 548 -6.28 -7.74 -41.71
N LEU A 549 -6.84 -8.87 -42.16
CA LEU A 549 -8.21 -9.21 -41.80
C LEU A 549 -8.34 -9.44 -40.30
N CYS A 550 -7.37 -10.14 -39.69
CA CYS A 550 -7.40 -10.36 -38.25
C CYS A 550 -7.24 -9.04 -37.49
N THR A 551 -6.41 -8.14 -38.00
CA THR A 551 -6.28 -6.83 -37.37
C THR A 551 -7.61 -6.08 -37.40
N ALA A 552 -8.30 -6.12 -38.54
CA ALA A 552 -9.63 -5.49 -38.62
C ALA A 552 -10.61 -6.15 -37.66
N ILE A 553 -10.56 -7.47 -37.55
CA ILE A 553 -11.45 -8.19 -36.65
C ILE A 553 -11.20 -7.76 -35.21
N GLU A 554 -9.92 -7.68 -34.82
CA GLU A 554 -9.57 -7.26 -33.47
C GLU A 554 -10.01 -5.83 -33.20
N LYS A 555 -9.82 -4.93 -34.18
CA LYS A 555 -10.24 -3.55 -34.01
C LYS A 555 -11.75 -3.46 -33.82
N THR A 556 -12.51 -4.18 -34.64
CA THR A 556 -13.97 -4.17 -34.51
C THR A 556 -14.42 -4.73 -33.17
N ARG A 557 -13.80 -5.85 -32.75
CA ARG A 557 -14.18 -6.46 -31.47
C ARG A 557 -13.87 -5.54 -30.31
N LYS A 558 -12.70 -4.87 -30.34
CA LYS A 558 -12.36 -3.93 -29.29
C LYS A 558 -13.31 -2.74 -29.27
N GLU A 559 -13.69 -2.25 -30.46
CA GLU A 559 -14.62 -1.13 -30.51
C GLU A 559 -15.99 -1.51 -29.96
N TYR A 560 -16.47 -2.71 -30.28
CA TYR A 560 -17.77 -3.14 -29.77
C TYR A 560 -17.72 -3.50 -28.29
N GLY A 561 -16.55 -3.88 -27.77
CA GLY A 561 -16.42 -4.12 -26.34
C GLY A 561 -17.08 -5.42 -25.90
N ASN A 562 -17.53 -5.43 -24.65
CA ASN A 562 -18.15 -6.62 -24.07
C ASN A 562 -19.52 -6.94 -24.65
N SER A 563 -20.13 -6.00 -25.38
CA SER A 563 -21.40 -6.24 -26.07
C SER A 563 -21.19 -6.83 -27.46
N PHE A 564 -19.93 -7.06 -27.86
CA PHE A 564 -19.65 -7.58 -29.19
C PHE A 564 -20.31 -8.94 -29.40
N ASN A 565 -20.19 -9.83 -28.42
CA ASN A 565 -20.75 -11.17 -28.57
C ASN A 565 -22.26 -11.11 -28.70
N TYR A 566 -22.93 -10.29 -27.89
CA TYR A 566 -24.39 -10.21 -27.94
C TYR A 566 -24.86 -9.63 -29.28
N LEU A 567 -24.25 -8.53 -29.71
CA LEU A 567 -24.65 -7.93 -30.97
C LEU A 567 -24.37 -8.87 -32.14
N TYR A 568 -23.21 -9.54 -32.13
CA TYR A 568 -22.86 -10.47 -33.20
C TYR A 568 -23.84 -11.64 -33.24
N GLN A 569 -24.20 -12.19 -32.08
CA GLN A 569 -25.14 -13.30 -32.05
C GLN A 569 -26.51 -12.87 -32.53
N ARG A 570 -26.98 -11.69 -32.13
CA ARG A 570 -28.27 -11.21 -32.60
C ARG A 570 -28.27 -11.00 -34.11
N ALA A 571 -27.19 -10.40 -34.65
CA ALA A 571 -27.10 -10.18 -36.08
C ALA A 571 -27.07 -11.50 -36.85
N LEU A 572 -26.29 -12.48 -36.35
CA LEU A 572 -26.21 -13.77 -37.01
C LEU A 572 -27.55 -14.49 -36.97
N TYR A 573 -28.26 -14.42 -35.84
CA TYR A 573 -29.57 -15.04 -35.75
C TYR A 573 -30.56 -14.39 -36.71
N LEU A 574 -30.52 -13.06 -36.81
CA LEU A 574 -31.40 -12.36 -37.74
C LEU A 574 -31.08 -12.75 -39.18
N GLN A 575 -29.80 -12.85 -39.53
CA GLN A 575 -29.42 -13.21 -40.89
C GLN A 575 -29.83 -14.65 -41.22
N SER A 576 -29.63 -15.57 -40.27
CA SER A 576 -30.03 -16.95 -40.49
C SER A 576 -31.55 -17.07 -40.62
N LYS A 577 -32.29 -16.31 -39.81
CA LYS A 577 -33.75 -16.31 -39.93
C LYS A 577 -34.25 -15.57 -41.16
N GLY A 578 -33.39 -14.81 -41.82
CA GLY A 578 -33.80 -14.05 -42.99
C GLY A 578 -34.46 -12.73 -42.70
N LYS A 579 -34.40 -12.25 -41.46
CA LYS A 579 -35.05 -11.01 -41.10
C LYS A 579 -34.27 -9.81 -41.64
N LYS A 580 -34.90 -8.64 -41.58
CA LYS A 580 -34.28 -7.43 -42.11
C LYS A 580 -33.05 -7.05 -41.30
N LEU A 581 -32.03 -6.58 -42.00
CA LEU A 581 -30.75 -6.26 -41.37
C LEU A 581 -30.77 -4.86 -40.76
N SER A 582 -30.14 -4.72 -39.60
CA SER A 582 -30.02 -3.44 -38.92
C SER A 582 -28.79 -2.71 -39.44
N ALA A 583 -28.42 -1.61 -38.76
CA ALA A 583 -27.25 -0.83 -39.18
C ALA A 583 -25.97 -1.63 -39.04
N GLU A 584 -25.80 -2.36 -37.94
CA GLU A 584 -24.59 -3.12 -37.69
C GLU A 584 -24.66 -4.55 -38.19
N ASP A 585 -25.83 -5.00 -38.66
CA ASP A 585 -25.96 -6.38 -39.13
C ASP A 585 -25.06 -6.65 -40.33
N LYS A 586 -25.03 -5.71 -41.29
CA LYS A 586 -24.19 -5.89 -42.46
C LYS A 586 -22.72 -5.96 -42.10
N ASP A 587 -22.29 -5.14 -41.13
CA ASP A 587 -20.90 -5.19 -40.68
C ASP A 587 -20.58 -6.53 -40.05
N PHE A 588 -21.50 -7.08 -39.26
CA PHE A 588 -21.25 -8.38 -38.63
C PHE A 588 -21.21 -9.50 -39.67
N ILE A 589 -22.05 -9.42 -40.69
CA ILE A 589 -22.01 -10.44 -41.75
C ILE A 589 -20.72 -10.32 -42.56
N LYS A 590 -20.26 -9.09 -42.79
CA LYS A 590 -18.97 -8.90 -43.45
C LYS A 590 -17.84 -9.48 -42.61
N LEU A 591 -17.91 -9.28 -41.29
CA LEU A 591 -16.92 -9.88 -40.40
C LEU A 591 -16.98 -11.41 -40.45
N GLN A 592 -18.18 -11.96 -40.54
CA GLN A 592 -18.32 -13.41 -40.68
C GLN A 592 -17.66 -13.91 -41.97
N SER A 593 -17.89 -13.19 -43.06
CA SER A 593 -17.23 -13.56 -44.32
C SER A 593 -15.71 -13.46 -44.20
N ASN A 594 -15.22 -12.42 -43.53
CA ASN A 594 -13.78 -12.25 -43.36
C ASN A 594 -13.17 -13.37 -42.53
N VAL A 595 -13.84 -13.74 -41.42
CA VAL A 595 -13.31 -14.82 -40.60
C VAL A 595 -13.38 -16.15 -41.34
N LEU A 596 -14.41 -16.36 -42.15
CA LEU A 596 -14.45 -17.57 -42.98
C LEU A 596 -13.29 -17.60 -43.97
N LEU A 597 -12.98 -16.45 -44.59
CA LEU A 597 -11.85 -16.40 -45.51
C LEU A 597 -10.53 -16.67 -44.79
N VAL A 598 -10.36 -16.10 -43.60
CA VAL A 598 -9.13 -16.31 -42.84
C VAL A 598 -9.00 -17.77 -42.44
N SER A 599 -10.09 -18.39 -42.01
CA SER A 599 -10.06 -19.81 -41.65
C SER A 599 -9.74 -20.66 -42.87
N ASP A 600 -10.28 -20.30 -44.05
CA ASP A 600 -9.95 -21.03 -45.26
C ASP A 600 -8.45 -20.93 -45.57
N VAL A 601 -7.88 -19.72 -45.44
CA VAL A 601 -6.46 -19.54 -45.71
C VAL A 601 -5.63 -20.36 -44.72
N ILE A 602 -6.01 -20.34 -43.44
CA ILE A 602 -5.26 -21.08 -42.42
C ILE A 602 -5.32 -22.58 -42.70
N ALA A 603 -6.51 -23.08 -43.06
CA ALA A 603 -6.65 -24.50 -43.37
C ALA A 603 -5.84 -24.88 -44.60
N GLU A 604 -5.80 -24.01 -45.61
CA GLU A 604 -4.99 -24.26 -46.79
C GLU A 604 -3.52 -24.31 -46.43
N ALA A 605 -3.06 -23.41 -45.56
CA ALA A 605 -1.66 -23.36 -45.19
C ALA A 605 -1.26 -24.45 -44.19
N LEU A 606 -2.22 -25.05 -43.50
CA LEU A 606 -1.92 -26.03 -42.46
C LEU A 606 -2.48 -27.43 -42.72
N ASP A 607 -3.42 -27.58 -43.66
CA ASP A 607 -3.97 -28.89 -44.03
C ASP A 607 -4.62 -29.57 -42.82
N ILE A 608 -5.67 -28.95 -42.31
CA ILE A 608 -6.41 -29.47 -41.17
C ILE A 608 -7.82 -29.84 -41.60
N LYS A 609 -8.41 -30.76 -40.84
CA LYS A 609 -9.73 -31.30 -41.17
C LYS A 609 -10.83 -30.28 -40.85
N GLU A 610 -12.07 -30.64 -41.19
CA GLU A 610 -13.19 -29.73 -41.01
C GLU A 610 -13.44 -29.45 -39.53
N GLU A 611 -13.50 -30.51 -38.72
CA GLU A 611 -13.71 -30.32 -37.29
C GLU A 611 -12.53 -29.62 -36.64
N GLN A 612 -11.31 -29.93 -37.10
CA GLN A 612 -10.13 -29.25 -36.59
C GLN A 612 -10.07 -27.80 -37.06
N LYS A 613 -10.66 -27.50 -38.22
CA LYS A 613 -10.73 -26.12 -38.71
C LYS A 613 -11.78 -25.30 -37.98
N LYS A 614 -12.90 -25.92 -37.60
CA LYS A 614 -13.99 -25.19 -36.97
C LYS A 614 -13.63 -24.61 -35.61
N LYS A 615 -12.57 -25.13 -34.97
CA LYS A 615 -12.23 -24.71 -33.61
C LYS A 615 -11.87 -23.23 -33.53
N PHE A 616 -11.49 -22.61 -34.64
CA PHE A 616 -11.09 -21.20 -34.64
C PHE A 616 -11.84 -20.39 -35.69
N ALA A 617 -13.00 -20.88 -36.14
CA ALA A 617 -13.80 -20.16 -37.14
C ALA A 617 -14.75 -19.17 -36.48
N ASN A 618 -14.21 -18.32 -35.62
CA ASN A 618 -14.97 -17.28 -34.95
C ASN A 618 -14.07 -16.06 -34.76
N PRO A 619 -14.65 -14.86 -34.65
CA PRO A 619 -13.79 -13.66 -34.53
C PRO A 619 -12.89 -13.65 -33.31
N PHE A 620 -13.32 -14.26 -32.20
CA PHE A 620 -12.51 -14.24 -30.99
C PHE A 620 -11.18 -14.94 -31.19
N SER A 621 -11.18 -16.09 -31.87
CA SER A 621 -9.94 -16.84 -32.07
C SER A 621 -8.96 -16.06 -32.92
N LEU A 622 -9.43 -15.46 -34.02
CA LEU A 622 -8.53 -14.68 -34.87
C LEU A 622 -8.02 -13.44 -34.15
N ALA A 623 -8.90 -12.78 -33.38
CA ALA A 623 -8.47 -11.62 -32.62
C ALA A 623 -7.40 -11.98 -31.60
N GLN A 624 -7.57 -13.10 -30.90
CA GLN A 624 -6.58 -13.49 -29.92
C GLN A 624 -5.29 -13.97 -30.58
N LEU A 625 -5.38 -14.58 -31.76
CA LEU A 625 -4.17 -14.92 -32.51
C LEU A 625 -3.39 -13.67 -32.90
N TYR A 626 -4.09 -12.65 -33.38
CA TYR A 626 -3.43 -11.39 -33.73
C TYR A 626 -2.81 -10.74 -32.50
N ASN A 627 -3.52 -10.77 -31.37
CA ASN A 627 -2.98 -10.22 -30.14
C ASN A 627 -1.73 -10.98 -29.70
N ILE A 628 -1.74 -12.31 -29.86
CA ILE A 628 -0.58 -13.11 -29.49
C ILE A 628 0.62 -12.76 -30.36
N ILE A 629 0.42 -12.73 -31.68
CA ILE A 629 1.55 -12.55 -32.58
C ILE A 629 2.09 -11.12 -32.50
N GLU A 630 1.22 -10.13 -32.42
CA GLU A 630 1.64 -8.74 -32.52
C GLU A 630 1.76 -8.01 -31.19
N THR A 631 1.09 -8.49 -30.14
CA THR A 631 1.15 -7.86 -28.83
C THR A 631 1.62 -8.85 -27.78
N GLU A 632 2.69 -9.59 -28.08
CA GLU A 632 3.15 -10.65 -27.20
C GLU A 632 3.71 -10.11 -25.89
N LYS A 633 4.25 -8.89 -25.89
CA LYS A 633 4.91 -8.34 -24.71
C LYS A 633 3.84 -7.86 -23.73
N SER A 634 3.31 -8.80 -22.94
CA SER A 634 2.27 -8.49 -21.97
C SER A 634 2.48 -9.25 -20.66
N GLY A 635 3.72 -9.53 -20.30
CA GLY A 635 4.01 -10.21 -19.05
C GLY A 635 4.35 -11.67 -19.22
N PHE A 636 4.36 -12.37 -18.09
CA PHE A 636 4.75 -13.78 -18.06
C PHE A 636 3.57 -14.68 -18.40
N ILE A 637 3.88 -15.88 -18.88
CA ILE A 637 2.85 -16.91 -19.01
C ILE A 637 2.66 -17.61 -17.66
N SER A 638 1.53 -18.30 -17.53
CA SER A 638 1.16 -18.87 -16.23
C SER A 638 2.10 -20.01 -15.84
N THR A 639 2.35 -20.93 -16.75
CA THR A 639 3.13 -22.13 -16.44
C THR A 639 4.38 -22.20 -17.30
N THR A 640 5.26 -23.12 -16.93
CA THR A 640 6.51 -23.32 -17.65
C THR A 640 6.26 -24.00 -18.99
N LEU A 641 7.27 -23.94 -19.86
CA LEU A 641 7.13 -24.51 -21.19
C LEU A 641 6.91 -26.02 -21.14
N ALA A 642 7.48 -26.70 -20.14
CA ALA A 642 7.25 -28.12 -19.97
C ALA A 642 5.78 -28.41 -19.69
N ALA A 643 5.17 -27.63 -18.79
CA ALA A 643 3.75 -27.80 -18.50
C ALA A 643 2.89 -27.47 -19.70
N VAL A 644 3.26 -26.43 -20.46
CA VAL A 644 2.50 -26.06 -21.65
C VAL A 644 2.56 -27.19 -22.67
N ASP A 645 3.75 -27.76 -22.89
CA ASP A 645 3.88 -28.86 -23.84
C ASP A 645 3.10 -30.09 -23.38
N GLU A 646 3.17 -30.41 -22.08
CA GLU A 646 2.43 -31.56 -21.57
C GLU A 646 0.93 -31.37 -21.73
N ASN A 647 0.43 -30.17 -21.43
CA ASN A 647 -0.99 -29.90 -21.60
C ASN A 647 -1.39 -29.91 -23.07
N ALA A 648 -0.51 -29.44 -23.96
CA ALA A 648 -0.81 -29.51 -25.39
C ALA A 648 -0.90 -30.95 -25.86
N TRP A 649 0.00 -31.81 -25.37
CA TRP A 649 -0.08 -33.23 -25.71
C TRP A 649 -1.36 -33.85 -25.17
N ARG A 650 -1.74 -33.49 -23.93
CA ARG A 650 -2.92 -34.09 -23.32
C ARG A 650 -4.20 -33.63 -24.02
N ASN A 651 -4.29 -32.35 -24.37
CA ASN A 651 -5.48 -31.86 -25.07
C ASN A 651 -5.64 -32.54 -26.42
N ASN A 652 -4.55 -32.70 -27.15
CA ASN A 652 -4.54 -33.35 -28.47
C ASN A 652 -5.64 -32.76 -29.36
N LEU A 653 -5.54 -31.44 -29.55
CA LEU A 653 -6.57 -30.73 -30.32
C LEU A 653 -6.62 -31.18 -31.78
N GLN A 654 -5.59 -31.90 -32.25
CA GLN A 654 -5.63 -32.46 -33.60
C GLN A 654 -6.75 -33.47 -33.74
N GLY A 655 -7.12 -34.13 -32.65
CA GLY A 655 -8.22 -35.08 -32.63
C GLY A 655 -8.94 -35.07 -31.30
N LYS A 656 -9.23 -36.25 -30.76
CA LYS A 656 -9.85 -36.32 -29.44
C LYS A 656 -8.79 -36.16 -28.36
N ALA A 657 -9.23 -35.90 -27.14
CA ALA A 657 -8.34 -35.63 -26.03
C ALA A 657 -7.90 -36.92 -25.35
N ARG A 658 -6.66 -36.95 -24.91
CA ARG A 658 -6.10 -38.07 -24.17
C ARG A 658 -5.51 -37.55 -22.86
N CYS A 659 -5.96 -38.10 -21.74
CA CYS A 659 -5.57 -37.67 -20.40
C CYS A 659 -6.08 -36.26 -20.08
N VAL A 660 -6.29 -35.98 -18.80
CA VAL A 660 -6.80 -34.70 -18.33
C VAL A 660 -5.63 -33.78 -18.02
N GLN A 661 -5.86 -32.47 -18.11
CA GLN A 661 -4.79 -31.50 -17.94
C GLN A 661 -4.25 -31.52 -16.51
N LEU A 662 -3.04 -30.99 -16.36
CA LEU A 662 -2.35 -31.00 -15.09
C LEU A 662 -3.06 -30.09 -14.09
N CYS A 663 -3.10 -30.53 -12.83
CA CYS A 663 -3.67 -29.71 -11.77
C CYS A 663 -2.69 -28.59 -11.39
N ALA A 664 -3.21 -27.61 -10.64
CA ALA A 664 -2.39 -26.50 -10.19
C ALA A 664 -2.88 -26.05 -8.83
N ASP A 665 -1.97 -25.41 -8.09
CA ASP A 665 -2.30 -24.88 -6.78
C ASP A 665 -2.93 -23.50 -6.91
N THR A 666 -3.43 -22.98 -5.79
CA THR A 666 -3.95 -21.62 -5.77
C THR A 666 -2.83 -20.62 -6.00
N VAL A 667 -3.20 -19.47 -6.55
CA VAL A 667 -2.20 -18.48 -6.98
C VAL A 667 -1.66 -17.76 -5.75
N ARG A 668 -0.33 -17.69 -5.66
CA ARG A 668 0.34 -17.08 -4.52
C ARG A 668 0.29 -15.55 -4.57
N PRO A 669 0.62 -14.90 -5.69
CA PRO A 669 0.49 -13.43 -5.73
C PRO A 669 -0.95 -13.00 -5.49
N PHE A 670 -1.10 -11.86 -4.82
CA PHE A 670 -2.40 -11.38 -4.41
C PHE A 670 -2.45 -9.87 -4.60
N ASP A 671 -3.50 -9.25 -4.06
CA ASP A 671 -3.70 -7.81 -4.19
C ASP A 671 -3.10 -7.05 -3.01
N GLY A 672 -1.84 -7.37 -2.70
CA GLY A 672 -1.07 -6.60 -1.74
C GLY A 672 -1.68 -6.45 -0.37
N ALA A 673 -2.17 -5.23 -0.09
CA ALA A 673 -2.73 -4.93 1.23
C ALA A 673 -3.87 -5.88 1.57
N LEU A 674 -4.71 -6.22 0.58
CA LEU A 674 -5.77 -7.20 0.81
C LEU A 674 -5.20 -8.49 1.40
N ARG A 675 -4.12 -8.99 0.83
CA ARG A 675 -3.39 -10.12 1.41
C ARG A 675 -3.18 -9.90 2.91
N ASN A 676 -2.54 -8.78 3.27
CA ASN A 676 -2.30 -8.48 4.67
C ASN A 676 -3.59 -8.58 5.48
N ILE A 677 -4.69 -8.04 4.96
CA ILE A 677 -5.98 -8.13 5.64
C ILE A 677 -6.21 -9.57 6.07
N LEU A 678 -6.27 -10.48 5.08
CA LEU A 678 -6.56 -11.87 5.39
C LEU A 678 -5.52 -12.42 6.36
N ASP A 679 -4.26 -12.08 6.13
CA ASP A 679 -3.17 -12.48 7.02
C ASP A 679 -3.60 -12.25 8.46
N ARG A 680 -3.85 -10.98 8.81
CA ARG A 680 -4.18 -10.68 10.20
C ARG A 680 -5.43 -11.46 10.61
N GLN A 681 -6.46 -11.40 9.77
CA GLN A 681 -7.71 -12.07 10.10
C GLN A 681 -7.45 -13.52 10.45
N ALA A 682 -6.63 -14.20 9.65
CA ALA A 682 -6.39 -15.60 9.86
C ALA A 682 -5.90 -15.84 11.28
N TYR A 683 -4.83 -15.14 11.67
CA TYR A 683 -4.31 -15.34 13.02
C TYR A 683 -5.32 -14.89 14.05
N GLU A 684 -6.00 -13.77 13.79
CA GLU A 684 -6.96 -13.25 14.74
C GLU A 684 -8.16 -14.17 14.89
N ILE A 685 -8.29 -15.16 14.02
CA ILE A 685 -9.22 -16.25 14.25
C ILE A 685 -8.50 -17.48 14.81
N ALA A 686 -7.34 -17.81 14.23
CA ALA A 686 -6.61 -19.01 14.66
C ALA A 686 -6.28 -18.93 16.13
N LYS A 687 -5.81 -17.78 16.60
CA LYS A 687 -5.54 -17.59 18.02
C LYS A 687 -6.73 -18.00 18.87
N LEU A 688 -7.92 -17.50 18.51
CA LEU A 688 -9.12 -17.86 19.26
C LEU A 688 -9.30 -19.37 19.29
N LYS A 689 -9.18 -20.01 18.14
CA LYS A 689 -9.31 -21.46 18.09
C LYS A 689 -8.29 -22.12 19.01
N ALA A 690 -7.05 -21.62 18.99
CA ALA A 690 -6.05 -22.14 19.92
C ALA A 690 -6.51 -21.96 21.35
N GLU A 691 -6.98 -20.76 21.70
CA GLU A 691 -7.48 -20.53 23.05
C GLU A 691 -8.69 -21.40 23.33
N GLU A 692 -9.44 -21.77 22.28
CA GLU A 692 -10.55 -22.70 22.46
C GLU A 692 -10.05 -24.13 22.62
N LEU A 693 -9.00 -24.50 21.91
CA LEU A 693 -8.50 -25.87 21.98
C LEU A 693 -7.63 -26.11 23.21
N LEU A 694 -6.90 -25.10 23.66
CA LEU A 694 -6.04 -25.26 24.83
C LEU A 694 -6.84 -25.46 26.11
N SER A 695 -8.07 -24.93 26.15
CA SER A 695 -8.88 -25.06 27.36
C SER A 695 -9.43 -26.47 27.55
N THR A 696 -9.48 -27.28 26.50
CA THR A 696 -9.98 -28.64 26.58
C THR A 696 -8.84 -29.61 26.29
N GLU A 697 -8.64 -30.58 27.18
CA GLU A 697 -7.58 -31.56 26.99
C GLU A 697 -8.03 -32.68 26.06
N LEU A 698 -9.20 -33.26 26.33
CA LEU A 698 -9.87 -34.28 25.52
C LEU A 698 -9.14 -35.62 25.58
N LYS A 699 -7.91 -35.61 26.09
CA LYS A 699 -7.18 -36.80 26.56
C LYS A 699 -7.16 -37.93 25.52
N ASN A 700 -7.50 -37.66 24.27
CA ASN A 700 -7.60 -38.70 23.25
C ASN A 700 -6.48 -38.51 22.22
N GLN A 701 -5.69 -39.55 22.02
CA GLN A 701 -4.61 -39.53 21.04
C GLN A 701 -5.04 -40.16 19.72
N THR A 702 -6.18 -39.78 19.16
CA THR A 702 -6.58 -40.30 17.86
C THR A 702 -6.72 -39.22 16.79
N ILE A 703 -7.65 -38.28 16.97
CA ILE A 703 -7.91 -37.26 15.96
C ILE A 703 -8.85 -36.19 16.49
N ASP A 704 -8.73 -34.97 15.98
CA ASP A 704 -9.73 -33.92 16.13
C ASP A 704 -10.02 -33.34 14.75
N LEU A 705 -11.30 -33.23 14.42
CA LEU A 705 -11.74 -32.82 13.08
C LEU A 705 -12.12 -31.34 13.12
N VAL A 706 -11.17 -30.48 12.79
CA VAL A 706 -11.44 -29.05 12.67
C VAL A 706 -12.12 -28.80 11.32
N VAL A 707 -13.26 -28.11 11.36
CA VAL A 707 -14.09 -27.90 10.19
C VAL A 707 -14.17 -26.40 9.92
N LEU A 708 -13.97 -26.02 8.65
CA LEU A 708 -14.02 -24.63 8.23
C LEU A 708 -15.23 -24.40 7.34
N LEU A 709 -16.04 -23.41 7.69
CA LEU A 709 -17.22 -23.02 6.90
C LEU A 709 -17.11 -21.55 6.58
N GLU A 710 -17.14 -21.21 5.29
CA GLU A 710 -16.98 -19.84 4.83
C GLU A 710 -18.12 -19.48 3.90
N SER A 711 -18.72 -18.32 4.14
CA SER A 711 -19.82 -17.81 3.32
C SER A 711 -19.62 -16.33 3.02
N ASN A 712 -18.42 -15.99 2.56
CA ASN A 712 -18.11 -14.59 2.25
C ASN A 712 -19.10 -14.03 1.23
N GLN A 713 -19.64 -12.86 1.53
CA GLN A 713 -20.65 -12.23 0.69
C GLN A 713 -19.95 -11.31 -0.31
N PHE A 714 -19.37 -11.94 -1.34
CA PHE A 714 -18.67 -11.19 -2.37
C PHE A 714 -19.63 -10.34 -3.18
N ALA A 715 -19.21 -9.13 -3.49
CA ALA A 715 -20.04 -8.20 -4.27
C ALA A 715 -19.84 -8.42 -5.76
N ASN A 895 -10.73 -20.61 -4.84
CA ASN A 895 -11.79 -19.76 -4.30
C ASN A 895 -11.37 -18.29 -4.30
N GLY A 896 -10.14 -18.02 -4.72
CA GLY A 896 -9.62 -16.67 -4.75
C GLY A 896 -9.10 -16.20 -3.41
N THR A 897 -9.76 -15.20 -2.83
CA THR A 897 -9.35 -14.71 -1.52
C THR A 897 -9.68 -15.70 -0.41
N GLN A 898 -10.78 -16.45 -0.56
CA GLN A 898 -11.15 -17.42 0.46
C GLN A 898 -10.11 -18.52 0.59
N ALA A 899 -9.55 -18.96 -0.55
CA ALA A 899 -8.53 -20.00 -0.51
C ALA A 899 -7.29 -19.54 0.25
N TRP A 900 -6.82 -18.31 -0.01
CA TRP A 900 -5.66 -17.80 0.69
C TRP A 900 -5.96 -17.58 2.18
N PHE A 901 -7.16 -17.09 2.49
CA PHE A 901 -7.53 -16.93 3.90
C PHE A 901 -7.52 -18.27 4.62
N ALA A 902 -8.08 -19.31 3.99
CA ALA A 902 -8.06 -20.64 4.59
C ALA A 902 -6.64 -21.15 4.74
N LYS A 903 -5.79 -20.93 3.73
CA LYS A 903 -4.39 -21.33 3.83
C LYS A 903 -3.74 -20.71 5.05
N SER A 904 -3.86 -19.39 5.18
CA SER A 904 -3.22 -18.70 6.29
C SER A 904 -3.78 -19.14 7.63
N PHE A 905 -5.11 -19.27 7.73
CA PHE A 905 -5.71 -19.67 8.99
C PHE A 905 -5.23 -21.06 9.41
N ILE A 906 -5.26 -22.02 8.47
CA ILE A 906 -4.88 -23.37 8.80
C ILE A 906 -3.41 -23.45 9.18
N THR A 907 -2.54 -22.82 8.38
CA THR A 907 -1.11 -22.87 8.69
C THR A 907 -0.80 -22.22 10.04
N LYS A 908 -1.43 -21.09 10.32
CA LYS A 908 -1.20 -20.43 11.60
C LYS A 908 -1.77 -21.23 12.77
N LEU A 909 -2.89 -21.94 12.55
CA LEU A 909 -3.43 -22.79 13.61
C LEU A 909 -2.49 -23.95 13.92
N ARG A 910 -1.93 -24.59 12.89
CA ARG A 910 -0.91 -25.61 13.15
C ARG A 910 0.29 -25.02 13.86
N GLU A 911 0.76 -23.85 13.43
CA GLU A 911 1.92 -23.23 14.07
C GLU A 911 1.63 -22.91 15.53
N LEU A 912 0.39 -22.51 15.84
CA LEU A 912 0.04 -22.17 17.21
C LEU A 912 -0.10 -23.41 18.09
N THR A 913 -0.75 -24.45 17.57
CA THR A 913 -1.12 -25.60 18.37
C THR A 913 -0.18 -26.79 18.21
N LYS A 914 0.96 -26.61 17.52
CA LYS A 914 1.90 -27.73 17.39
C LYS A 914 2.41 -28.19 18.75
N GLU A 915 2.70 -27.25 19.66
CA GLU A 915 3.19 -27.63 20.98
C GLU A 915 2.15 -28.44 21.74
N TRP A 916 0.92 -27.94 21.79
CA TRP A 916 -0.15 -28.63 22.52
C TRP A 916 -0.49 -29.97 21.88
N CYS A 917 -0.40 -30.06 20.55
CA CYS A 917 -0.63 -31.34 19.88
C CYS A 917 0.45 -32.34 20.20
N ALA A 918 1.72 -31.93 20.08
CA ALA A 918 2.83 -32.86 20.28
C ALA A 918 2.99 -33.28 21.73
N ASN A 919 2.56 -32.43 22.67
CA ASN A 919 2.67 -32.80 24.08
C ASN A 919 1.83 -34.03 24.40
N ASN A 920 0.60 -34.09 23.88
CA ASN A 920 -0.31 -35.19 24.18
C ASN A 920 -1.10 -35.66 22.96
N GLN A 921 -0.50 -35.58 21.77
CA GLN A 921 -0.90 -36.36 20.60
C GLN A 921 -2.36 -36.08 20.18
N ILE A 922 -2.59 -34.86 19.74
CA ILE A 922 -3.89 -34.50 19.15
C ILE A 922 -3.93 -34.73 17.65
N THR A 923 -2.95 -34.21 16.91
CA THR A 923 -2.86 -34.40 15.45
C THR A 923 -4.15 -33.98 14.76
N LEU A 924 -4.41 -32.67 14.83
CA LEU A 924 -5.62 -32.08 14.26
C LEU A 924 -5.77 -32.43 12.78
N ALA A 925 -7.02 -32.58 12.36
CA ALA A 925 -7.38 -32.80 10.97
C ALA A 925 -8.32 -31.69 10.51
N PHE A 926 -8.20 -31.31 9.24
CA PHE A 926 -8.90 -30.15 8.71
C PHE A 926 -9.70 -30.52 7.47
N ASP A 927 -10.76 -29.76 7.22
CA ASP A 927 -11.57 -29.88 6.03
C ASP A 927 -12.23 -28.54 5.74
N LEU A 928 -12.25 -28.15 4.47
CA LEU A 928 -12.78 -26.86 4.05
C LEU A 928 -14.11 -27.03 3.35
N TYR A 929 -15.07 -26.17 3.72
CA TYR A 929 -16.39 -26.15 3.09
C TYR A 929 -16.77 -24.70 2.81
N ARG A 930 -17.13 -24.43 1.56
CA ARG A 930 -17.56 -23.10 1.14
C ARG A 930 -19.00 -23.18 0.66
N LEU A 931 -19.85 -22.32 1.18
CA LEU A 931 -21.28 -22.36 0.91
C LEU A 931 -21.66 -21.38 -0.19
N ASP A 932 -22.90 -21.49 -0.64
CA ASP A 932 -23.41 -20.59 -1.67
C ASP A 932 -23.58 -19.18 -1.12
N ALA A 933 -23.55 -18.20 -2.04
CA ALA A 933 -23.55 -16.81 -1.62
C ALA A 933 -24.85 -16.41 -0.93
N GLN A 934 -26.00 -16.87 -1.44
CA GLN A 934 -27.29 -16.39 -0.97
C GLN A 934 -28.09 -17.41 -0.17
N THR A 935 -27.72 -18.70 -0.22
CA THR A 935 -28.54 -19.73 0.40
C THR A 935 -28.66 -19.53 1.91
N VAL A 936 -27.56 -19.18 2.56
CA VAL A 936 -27.60 -18.97 4.00
C VAL A 936 -28.45 -17.75 4.35
N SER A 937 -28.43 -16.73 3.51
CA SER A 937 -29.18 -15.51 3.76
C SER A 937 -30.55 -15.50 3.09
N GLN A 938 -30.89 -16.55 2.34
CA GLN A 938 -32.19 -16.58 1.68
C GLN A 938 -33.28 -17.09 2.62
N ASP A 939 -33.05 -18.22 3.27
CA ASP A 939 -34.07 -18.78 4.15
C ASP A 939 -33.57 -19.05 5.56
N TYR A 940 -32.33 -19.52 5.71
CA TYR A 940 -31.82 -19.88 7.04
C TYR A 940 -31.82 -18.67 7.95
N ARG A 941 -31.25 -17.55 7.49
CA ARG A 941 -31.22 -16.34 8.30
C ARG A 941 -32.62 -15.84 8.61
N LYS A 942 -33.49 -15.81 7.59
CA LYS A 942 -34.85 -15.34 7.80
C LYS A 942 -35.62 -16.25 8.75
N LYS A 943 -35.48 -17.57 8.59
CA LYS A 943 -36.18 -18.50 9.47
C LYS A 943 -35.70 -18.36 10.90
N PHE A 944 -34.38 -18.24 11.12
CA PHE A 944 -33.87 -18.08 12.47
C PHE A 944 -34.31 -16.74 13.07
N ALA A 945 -34.36 -15.68 12.25
CA ALA A 945 -34.83 -14.40 12.72
C ALA A 945 -36.29 -14.47 13.16
N LEU A 946 -37.12 -15.17 12.38
CA LEU A 946 -38.51 -15.33 12.76
C LEU A 946 -38.66 -16.17 14.02
N ILE A 947 -37.84 -17.22 14.15
CA ILE A 947 -37.97 -18.12 15.30
C ILE A 947 -37.54 -17.42 16.59
N ASN A 948 -36.39 -16.75 16.57
CA ASN A 948 -35.88 -16.17 17.81
C ASN A 948 -36.54 -14.82 18.11
N LYS A 949 -36.85 -14.04 17.09
CA LYS A 949 -37.48 -12.72 17.21
C LYS A 949 -36.65 -11.73 18.00
N ASP A 950 -35.38 -12.04 18.28
CA ASP A 950 -34.53 -11.14 19.05
C ASP A 950 -33.68 -10.25 18.15
N TRP A 951 -33.18 -10.78 17.04
CA TRP A 951 -32.38 -10.01 16.09
C TRP A 951 -33.18 -9.59 14.86
N ALA A 952 -34.02 -10.47 14.33
CA ALA A 952 -34.99 -10.16 13.27
C ALA A 952 -34.33 -9.72 11.97
N LYS A 953 -33.02 -9.97 11.81
CA LYS A 953 -32.27 -9.61 10.61
C LYS A 953 -32.44 -8.12 10.34
N PRO A 954 -31.85 -7.25 11.17
CA PRO A 954 -32.17 -5.82 11.10
C PRO A 954 -31.81 -5.16 9.78
N ASP A 955 -30.73 -5.60 9.12
CA ASP A 955 -30.24 -4.96 7.91
C ASP A 955 -29.93 -3.49 8.17
N ASP A 956 -30.94 -2.63 8.00
CA ASP A 956 -30.78 -1.18 8.19
C ASP A 956 -29.69 -0.62 7.28
N LYS A 957 -29.60 -1.17 6.08
CA LYS A 957 -28.71 -0.70 5.01
C LYS A 957 -27.25 -1.01 5.31
N LYS A 958 -26.96 -1.51 6.52
CA LYS A 958 -25.60 -1.89 6.89
C LYS A 958 -25.66 -2.77 8.12
N GLN A 959 -25.06 -3.95 8.04
CA GLN A 959 -25.17 -4.94 9.10
C GLN A 959 -24.48 -4.43 10.37
N PRO A 960 -25.12 -4.59 11.54
CA PRO A 960 -24.46 -4.21 12.81
C PRO A 960 -23.31 -5.16 13.17
N ILE A 961 -22.70 -4.94 14.33
CA ILE A 961 -21.52 -5.72 14.70
C ILE A 961 -21.88 -7.17 14.97
N ALA A 962 -23.03 -7.43 15.59
CA ALA A 962 -23.41 -8.80 15.93
C ALA A 962 -24.05 -9.55 14.78
N SER A 963 -24.45 -8.84 13.71
CA SER A 963 -25.11 -9.51 12.60
C SER A 963 -24.16 -10.44 11.86
N HIS A 964 -22.87 -10.10 11.80
CA HIS A 964 -21.91 -11.00 11.17
C HIS A 964 -21.71 -12.27 11.98
N ALA A 965 -21.69 -12.15 13.32
CA ALA A 965 -21.64 -13.34 14.16
C ALA A 965 -22.89 -14.20 13.98
N ILE A 966 -24.05 -13.55 13.87
CA ILE A 966 -25.29 -14.30 13.62
C ILE A 966 -25.23 -15.00 12.28
N ASP A 967 -24.69 -14.33 11.26
CA ASP A 967 -24.55 -14.95 9.94
C ASP A 967 -23.61 -16.15 9.99
N ALA A 968 -22.51 -16.03 10.72
CA ALA A 968 -21.61 -17.17 10.88
C ALA A 968 -22.28 -18.33 11.61
N PHE A 969 -23.09 -18.00 12.62
CA PHE A 969 -23.87 -19.04 13.29
C PHE A 969 -24.83 -19.72 12.33
N CYS A 970 -25.49 -18.95 11.47
CA CYS A 970 -26.38 -19.54 10.47
C CYS A 970 -25.61 -20.41 9.50
N VAL A 971 -24.39 -20.00 9.14
CA VAL A 971 -23.53 -20.81 8.29
C VAL A 971 -23.24 -22.15 8.96
N PHE A 972 -22.94 -22.12 10.26
CA PHE A 972 -22.74 -23.35 11.00
C PHE A 972 -24.01 -24.21 10.99
N ALA A 973 -25.16 -23.58 11.20
CA ALA A 973 -26.42 -24.32 11.21
C ALA A 973 -26.78 -24.83 9.82
N ALA A 974 -26.42 -24.09 8.78
CA ALA A 974 -26.70 -24.51 7.41
C ALA A 974 -25.68 -25.56 6.97
N ALA A 975 -25.67 -25.87 5.68
CA ALA A 975 -24.80 -26.84 5.03
C ALA A 975 -25.10 -28.28 5.43
N LYS A 976 -26.06 -28.50 6.34
CA LYS A 976 -26.43 -29.86 6.72
C LYS A 976 -27.27 -30.55 5.65
N ASP A 977 -27.94 -29.78 4.79
CA ASP A 977 -28.79 -30.35 3.75
C ASP A 977 -28.00 -30.74 2.50
N LYS A 978 -26.72 -30.36 2.41
CA LYS A 978 -25.94 -30.72 1.23
C LYS A 978 -25.70 -32.22 1.15
N ARG A 979 -25.45 -32.86 2.29
CA ARG A 979 -25.22 -34.30 2.41
C ARG A 979 -23.87 -34.68 1.80
N ASN A 980 -23.20 -33.71 1.19
CA ASN A 980 -21.84 -33.89 0.70
C ASN A 980 -20.88 -32.91 1.36
N ILE A 981 -21.24 -31.63 1.43
CA ILE A 981 -20.51 -30.66 2.22
C ILE A 981 -21.10 -30.65 3.63
N ALA A 982 -20.23 -30.74 4.64
CA ALA A 982 -20.65 -30.86 6.04
C ALA A 982 -21.57 -32.07 6.22
N ASN A 983 -21.11 -33.22 5.73
CA ASN A 983 -21.93 -34.43 5.77
C ASN A 983 -22.20 -34.91 7.19
N VAL A 984 -21.20 -34.82 8.07
CA VAL A 984 -21.30 -35.46 9.38
C VAL A 984 -21.34 -34.39 10.46
N LEU A 985 -21.89 -33.22 10.15
CA LEU A 985 -22.12 -32.18 11.15
C LEU A 985 -23.36 -32.58 11.96
N GLY A 986 -23.12 -33.44 12.96
CA GLY A 986 -24.19 -33.96 13.78
C GLY A 986 -24.78 -35.24 13.21
N VAL A 987 -25.73 -35.79 13.97
CA VAL A 987 -26.40 -37.02 13.55
C VAL A 987 -27.30 -36.74 12.36
N PHE A 988 -27.25 -37.61 11.35
CA PHE A 988 -28.06 -37.46 10.15
C PHE A 988 -29.47 -38.00 10.38
N ASP A 989 -30.13 -37.41 11.37
CA ASP A 989 -31.53 -37.74 11.66
C ASP A 989 -32.50 -36.90 10.85
N GLU A 990 -32.24 -35.59 10.76
CA GLU A 990 -33.04 -34.67 9.96
C GLU A 990 -34.51 -34.70 10.37
N VAL A 991 -34.75 -34.29 11.62
CA VAL A 991 -36.11 -34.17 12.15
C VAL A 991 -36.82 -33.04 11.42
N ALA A 992 -38.15 -32.94 11.63
CA ALA A 992 -38.99 -31.98 10.91
C ALA A 992 -38.46 -30.56 11.02
N GLU A 993 -38.93 -29.69 10.11
CA GLU A 993 -38.37 -28.35 9.99
C GLU A 993 -38.44 -27.58 11.30
N GLU A 994 -39.61 -27.58 11.94
CA GLU A 994 -39.78 -26.84 13.19
C GLU A 994 -38.86 -27.40 14.27
N GLN A 995 -38.82 -28.73 14.41
CA GLN A 995 -37.97 -29.34 15.42
C GLN A 995 -36.50 -29.17 15.09
N ASN A 996 -36.14 -29.29 13.80
CA ASN A 996 -34.74 -29.15 13.41
C ASN A 996 -34.22 -27.74 13.68
N LEU A 997 -35.04 -26.72 13.37
CA LEU A 997 -34.60 -25.34 13.53
C LEU A 997 -34.82 -24.79 14.93
N LYS A 998 -35.65 -25.44 15.76
CA LYS A 998 -35.88 -24.94 17.12
C LYS A 998 -34.83 -25.43 18.09
N THR A 999 -34.01 -26.41 17.72
CA THR A 999 -32.92 -26.87 18.58
C THR A 999 -31.62 -26.13 18.33
N ILE A 1000 -31.60 -25.18 17.40
CA ILE A 1000 -30.42 -24.38 17.10
C ILE A 1000 -30.60 -22.91 17.42
N ALA A 1001 -31.82 -22.45 17.65
CA ALA A 1001 -32.09 -21.03 17.86
C ALA A 1001 -31.66 -20.51 19.23
N GLN A 1002 -31.27 -21.40 20.14
CA GLN A 1002 -30.89 -21.01 21.50
C GLN A 1002 -29.41 -20.68 21.63
N LEU A 1003 -28.70 -20.51 20.51
CA LEU A 1003 -27.27 -20.29 20.54
C LEU A 1003 -26.98 -18.82 20.86
N MET A 1004 -25.71 -18.42 20.71
CA MET A 1004 -25.21 -17.13 21.18
C MET A 1004 -25.57 -16.97 22.65
N PRO A 1005 -24.89 -17.69 23.55
CA PRO A 1005 -25.34 -17.73 24.96
C PRO A 1005 -25.16 -16.40 25.67
N SER A 1006 -25.97 -15.41 25.27
CA SER A 1006 -26.02 -14.09 25.88
C SER A 1006 -24.66 -13.40 25.86
N GLU A 1007 -23.86 -13.65 24.82
CA GLU A 1007 -22.56 -13.00 24.70
C GLU A 1007 -22.14 -13.00 23.24
N VAL A 1008 -21.49 -11.91 22.82
CA VAL A 1008 -20.88 -11.80 21.51
C VAL A 1008 -19.58 -11.03 21.69
N ASN A 1009 -18.45 -11.74 21.62
CA ASN A 1009 -17.15 -11.12 21.83
C ASN A 1009 -16.71 -10.36 20.59
N LEU A 1010 -16.02 -9.24 20.81
CA LEU A 1010 -15.47 -8.43 19.74
C LEU A 1010 -13.95 -8.41 19.85
N ILE A 1011 -13.27 -8.62 18.73
CA ILE A 1011 -11.82 -8.51 18.66
C ILE A 1011 -11.50 -7.31 17.77
N SER A 1012 -10.73 -6.38 18.31
CA SER A 1012 -10.34 -5.17 17.59
C SER A 1012 -8.83 -5.15 17.41
N PRO A 1013 -8.31 -5.61 16.28
CA PRO A 1013 -6.87 -5.58 16.06
C PRO A 1013 -6.32 -4.16 16.10
N LYS A 1014 -5.10 -4.03 16.61
CA LYS A 1014 -4.43 -2.74 16.69
C LYS A 1014 -2.97 -2.92 16.36
N ARG A 1015 -2.30 -1.81 16.04
CA ARG A 1015 -0.95 -1.82 15.49
C ARG A 1015 0.11 -1.97 16.59
N LYS A 1016 -0.10 -2.95 17.48
CA LYS A 1016 0.83 -3.24 18.57
C LYS A 1016 1.05 -1.96 19.36
N SER A 1017 2.29 -1.62 19.73
CA SER A 1017 2.60 -0.40 20.45
C SER A 1017 4.09 -0.10 20.27
N ILE A 1018 4.42 1.18 20.28
CA ILE A 1018 5.82 1.57 20.16
C ILE A 1018 6.63 1.12 21.37
N LEU A 1019 5.97 0.89 22.51
CA LEU A 1019 6.66 0.42 23.70
C LEU A 1019 7.01 -1.06 23.62
N ASP A 1020 6.14 -1.87 23.00
CA ASP A 1020 6.36 -3.30 22.87
C ASP A 1020 7.07 -3.68 21.58
N LYS A 1021 7.49 -2.70 20.79
CA LYS A 1021 8.12 -2.95 19.49
C LYS A 1021 9.63 -2.80 19.65
N ASN A 1022 10.36 -3.86 19.27
CA ASN A 1022 11.81 -3.83 19.38
C ASN A 1022 12.49 -3.19 18.16
N GLU A 1023 11.87 -3.30 16.98
CA GLU A 1023 12.32 -2.56 15.80
C GLU A 1023 11.43 -1.34 15.66
N VAL A 1024 11.71 -0.32 16.48
CA VAL A 1024 10.91 0.90 16.49
C VAL A 1024 11.00 1.67 15.18
N GLY A 1025 11.95 1.32 14.31
CA GLY A 1025 12.05 1.97 13.01
C GLY A 1025 10.94 1.62 12.05
N SER A 1026 10.21 0.53 12.32
CA SER A 1026 9.07 0.14 11.49
C SER A 1026 7.83 0.98 11.77
N ARG A 1027 7.97 2.06 12.54
CA ARG A 1027 6.88 2.95 12.89
C ARG A 1027 7.30 4.39 12.64
N ALA A 1028 6.34 5.22 12.25
CA ALA A 1028 6.59 6.66 12.10
C ALA A 1028 6.85 7.25 13.48
N LEU A 1029 8.08 7.67 13.73
CA LEU A 1029 8.45 8.18 15.05
C LEU A 1029 8.06 9.65 15.21
N MET A 1030 8.47 10.49 14.26
CA MET A 1030 8.24 11.92 14.33
C MET A 1030 7.33 12.35 13.18
N LYS A 1031 6.35 13.20 13.48
CA LYS A 1031 5.49 13.73 12.44
C LYS A 1031 6.25 14.71 11.56
N GLU A 1032 5.83 14.79 10.30
CA GLU A 1032 6.46 15.70 9.36
C GLU A 1032 6.18 17.16 9.76
N GLY A 1033 6.98 18.06 9.22
CA GLY A 1033 6.84 19.46 9.53
C GLY A 1033 7.65 19.87 10.73
N ILE A 1034 8.53 20.85 10.55
CA ILE A 1034 9.43 21.32 11.60
C ILE A 1034 8.92 22.65 12.14
N PHE A 1035 8.99 22.81 13.45
CA PHE A 1035 8.50 24.01 14.13
C PHE A 1035 9.68 24.89 14.52
N ALA A 1036 9.46 26.20 14.45
CA ALA A 1036 10.51 27.15 14.81
C ALA A 1036 10.58 27.32 16.32
N GLU A 1037 11.80 27.38 16.83
CA GLU A 1037 12.06 27.52 18.26
C GLU A 1037 12.75 28.86 18.49
N HIS A 1038 12.05 29.77 19.16
CA HIS A 1038 12.59 31.09 19.45
C HIS A 1038 12.72 31.28 20.96
N PHE A 1039 13.50 32.28 21.35
CA PHE A 1039 13.62 32.71 22.73
C PHE A 1039 13.35 34.19 22.81
N LEU A 1040 12.60 34.60 23.83
CA LEU A 1040 12.23 36.00 23.98
C LEU A 1040 13.47 36.83 24.31
N PRO A 1041 13.70 37.94 23.60
CA PRO A 1041 14.86 38.77 23.91
C PRO A 1041 14.69 39.51 25.23
N ILE A 1042 15.83 39.92 25.79
CA ILE A 1042 15.88 40.69 27.03
C ILE A 1042 16.31 42.11 26.67
N LEU A 1043 15.49 43.09 27.01
CA LEU A 1043 15.76 44.50 26.74
C LEU A 1043 16.11 45.18 28.04
N VAL A 1044 17.24 45.90 28.06
CA VAL A 1044 17.75 46.53 29.26
C VAL A 1044 18.07 47.99 28.95
N ARG A 1045 17.39 48.91 29.64
CA ARG A 1045 17.70 50.32 29.56
C ARG A 1045 18.59 50.78 30.71
N GLY A 1046 18.55 50.07 31.83
CA GLY A 1046 19.18 50.48 33.07
C GLY A 1046 18.62 49.64 34.19
N ASP A 1047 18.12 50.29 35.25
CA ASP A 1047 17.34 49.59 36.25
C ASP A 1047 16.03 49.04 35.69
N ASP A 1048 15.61 49.50 34.52
CA ASP A 1048 14.39 49.04 33.87
C ASP A 1048 14.73 47.94 32.87
N CYS A 1049 14.10 46.78 33.04
CA CYS A 1049 14.31 45.64 32.16
C CYS A 1049 12.97 45.07 31.73
N ARG A 1050 12.94 44.58 30.48
CA ARG A 1050 11.73 43.95 29.94
C ARG A 1050 12.13 42.70 29.18
N ILE A 1051 11.15 41.81 29.03
CA ILE A 1051 11.31 40.59 28.23
C ILE A 1051 10.34 40.69 27.07
N GLY A 1052 10.87 40.69 25.85
CA GLY A 1052 10.03 40.79 24.68
C GLY A 1052 10.81 41.37 23.50
N PHE A 1053 10.06 41.88 22.54
CA PHE A 1053 10.60 42.33 21.26
C PHE A 1053 10.84 43.83 21.22
N ASP A 1054 9.94 44.63 21.80
CA ASP A 1054 10.10 46.07 21.84
C ASP A 1054 9.47 46.59 23.12
N TRP A 1055 9.84 47.82 23.48
CA TRP A 1055 9.47 48.40 24.77
C TRP A 1055 7.98 48.74 24.90
N SER A 1056 7.12 48.37 23.96
CA SER A 1056 5.71 48.64 24.09
C SER A 1056 5.09 47.75 25.18
N GLU A 1057 3.94 48.19 25.70
CA GLU A 1057 3.22 47.41 26.69
C GLU A 1057 2.64 46.13 26.10
N SER A 1058 2.53 46.05 24.78
CA SER A 1058 2.07 44.84 24.11
C SER A 1058 3.20 43.98 23.57
N GLY A 1059 4.38 44.58 23.35
CA GLY A 1059 5.52 43.87 22.81
C GLY A 1059 6.51 43.34 23.83
N SER A 1060 6.33 43.65 25.11
CA SER A 1060 7.23 43.15 26.14
C SER A 1060 6.52 43.20 27.49
N VAL A 1061 7.10 42.48 28.45
CA VAL A 1061 6.60 42.41 29.82
C VAL A 1061 7.71 42.90 30.74
N LYS A 1062 7.38 43.83 31.62
CA LYS A 1062 8.37 44.39 32.55
C LYS A 1062 8.83 43.32 33.53
N VAL A 1063 10.13 43.36 33.86
CA VAL A 1063 10.74 42.44 34.81
C VAL A 1063 11.32 43.25 35.95
N LYS A 1064 10.93 42.90 37.18
CA LYS A 1064 11.51 43.50 38.36
C LYS A 1064 12.52 42.52 38.97
N ASP A 1065 13.52 43.07 39.66
CA ASP A 1065 14.60 42.27 40.25
C ASP A 1065 15.29 41.44 39.17
N ALA A 1066 15.61 42.10 38.06
CA ALA A 1066 16.14 41.41 36.89
C ALA A 1066 17.54 40.84 37.12
N ASP A 1067 18.24 41.31 38.15
CA ASP A 1067 19.56 40.74 38.45
C ASP A 1067 19.46 39.26 38.76
N LYS A 1068 18.34 38.82 39.35
CA LYS A 1068 18.14 37.39 39.56
C LYS A 1068 18.05 36.64 38.24
N LEU A 1069 17.32 37.21 37.28
CA LEU A 1069 17.21 36.59 35.95
C LEU A 1069 18.57 36.49 35.29
N PHE A 1070 19.35 37.57 35.32
CA PHE A 1070 20.67 37.52 34.70
C PHE A 1070 21.60 36.57 35.44
N GLY A 1071 21.49 36.51 36.76
CA GLY A 1071 22.33 35.57 37.51
C GLY A 1071 22.02 34.12 37.21
N VAL A 1072 20.73 33.79 37.09
CA VAL A 1072 20.38 32.39 36.80
C VAL A 1072 20.74 32.05 35.35
N LEU A 1073 20.61 33.02 34.43
CA LEU A 1073 20.92 32.71 33.04
C LEU A 1073 22.43 32.61 32.79
N ASP A 1074 23.21 33.54 33.36
CA ASP A 1074 24.66 33.55 33.28
C ASP A 1074 25.19 33.41 31.86
N GLY A 1075 25.75 32.25 31.52
CA GLY A 1075 26.40 32.04 30.24
C GLY A 1075 25.48 31.72 29.09
N LEU A 1076 24.17 31.65 29.33
CA LEU A 1076 23.21 31.35 28.29
C LEU A 1076 22.76 32.58 27.51
N LEU A 1077 23.19 33.78 27.92
CA LEU A 1077 22.82 35.01 27.26
C LEU A 1077 23.97 35.54 26.42
N LYS A 1078 23.63 36.17 25.31
CA LYS A 1078 24.58 36.70 24.35
C LYS A 1078 24.24 38.15 24.07
N GLN A 1079 25.22 39.03 24.21
CA GLN A 1079 25.03 40.43 23.89
C GLN A 1079 24.93 40.62 22.38
N SER A 1080 24.15 41.63 21.97
CA SER A 1080 23.97 41.90 20.56
C SER A 1080 25.13 42.73 20.02
N GLN A 1081 26.36 42.25 20.25
CA GLN A 1081 27.58 42.96 19.83
C GLN A 1081 27.65 44.37 20.40
N LYS A 1082 26.98 44.59 21.53
CA LYS A 1082 26.93 45.89 22.21
C LYS A 1082 26.30 46.95 21.32
N ARG A 1083 26.98 47.30 20.23
CA ARG A 1083 26.52 48.29 19.24
C ARG A 1083 26.25 49.61 19.98
N SER A 1084 25.23 50.36 19.59
CA SER A 1084 24.91 51.63 20.24
C SER A 1084 24.19 51.33 21.55
N VAL A 1085 24.96 51.23 22.63
CA VAL A 1085 24.41 50.96 23.95
C VAL A 1085 23.58 52.14 24.44
N ASN A 1086 23.78 53.33 23.87
CA ASN A 1086 23.05 54.51 24.32
C ASN A 1086 21.54 54.32 24.24
N GLY A 1087 21.07 53.59 23.22
CA GLY A 1087 19.66 53.27 23.13
C GLY A 1087 19.23 52.28 24.20
N PHE A 1088 19.70 51.05 24.10
CA PHE A 1088 19.44 50.01 25.08
C PHE A 1088 20.34 48.81 24.76
N GLU A 1089 20.28 47.81 25.61
CA GLU A 1089 21.05 46.58 25.45
C GLU A 1089 20.09 45.42 25.23
N THR A 1090 20.40 44.56 24.26
CA THR A 1090 19.59 43.39 23.97
C THR A 1090 20.42 42.13 24.25
N TYR A 1091 19.90 41.28 25.12
CA TYR A 1091 20.50 39.99 25.42
C TYR A 1091 19.61 38.92 24.79
N THR A 1092 20.18 38.13 23.89
CA THR A 1092 19.47 37.06 23.21
C THR A 1092 19.99 35.72 23.70
N VAL A 1093 19.10 34.75 23.86
CA VAL A 1093 19.51 33.44 24.33
C VAL A 1093 20.39 32.76 23.28
N ASP A 1094 21.54 32.26 23.71
CA ASP A 1094 22.43 31.51 22.84
C ASP A 1094 21.75 30.19 22.48
N ARG A 1095 21.40 30.03 21.21
CA ARG A 1095 20.63 28.85 20.80
C ARG A 1095 21.41 27.57 21.02
N ILE A 1096 22.69 27.56 20.68
CA ILE A 1096 23.47 26.33 20.78
C ILE A 1096 23.64 25.91 22.24
N LYS A 1097 24.04 26.85 23.10
CA LYS A 1097 24.21 26.53 24.51
C LYS A 1097 22.88 26.15 25.16
N ALA A 1098 21.81 26.87 24.81
CA ALA A 1098 20.50 26.56 25.38
C ALA A 1098 20.04 25.17 24.98
N PHE A 1099 20.22 24.79 23.72
CA PHE A 1099 19.79 23.47 23.27
C PHE A 1099 20.66 22.38 23.89
N GLU A 1100 21.97 22.62 24.01
CA GLU A 1100 22.84 21.66 24.68
C GLU A 1100 22.43 21.47 26.13
N LEU A 1101 22.09 22.55 26.82
CA LEU A 1101 21.68 22.45 28.22
C LEU A 1101 20.33 21.75 28.36
N LEU A 1102 19.39 22.04 27.45
CA LEU A 1102 18.10 21.37 27.48
C LEU A 1102 18.23 19.88 27.19
N HIS A 1103 19.22 19.49 26.38
CA HIS A 1103 19.47 18.07 26.20
C HIS A 1103 20.17 17.47 27.42
N ASP A 1104 21.06 18.23 28.05
CA ASP A 1104 21.76 17.72 29.23
C ASP A 1104 20.80 17.44 30.37
N VAL A 1105 19.85 18.35 30.61
CA VAL A 1105 18.88 18.16 31.68
C VAL A 1105 17.87 17.06 31.37
N PHE A 1106 17.82 16.60 30.11
CA PHE A 1106 16.90 15.56 29.69
C PHE A 1106 17.53 14.18 29.63
N ILE A 1107 18.82 14.10 29.31
CA ILE A 1107 19.45 12.81 29.05
C ILE A 1107 20.23 12.25 30.25
N ARG A 1108 20.54 13.08 31.23
CA ARG A 1108 21.33 12.64 32.37
C ARG A 1108 21.02 13.54 33.56
N PRO A 1109 21.23 13.06 34.79
CA PRO A 1109 20.97 13.92 35.95
C PRO A 1109 21.88 15.14 35.96
N CYS A 1110 21.32 16.28 36.34
CA CYS A 1110 22.03 17.54 36.31
C CYS A 1110 21.91 18.25 37.64
N SER A 1111 22.83 19.19 37.88
CA SER A 1111 22.85 19.95 39.11
C SER A 1111 21.60 20.83 39.22
N GLN A 1112 21.40 21.39 40.41
CA GLN A 1112 20.24 22.23 40.64
C GLN A 1112 20.32 23.52 39.83
N LYS A 1113 21.52 24.07 39.66
CA LYS A 1113 21.69 25.27 38.85
C LYS A 1113 21.31 25.00 37.39
N MET A 1114 21.72 23.85 36.85
CA MET A 1114 21.40 23.53 35.47
C MET A 1114 19.91 23.38 35.28
N LEU A 1115 19.23 22.70 36.20
CA LEU A 1115 17.77 22.56 36.10
C LEU A 1115 17.08 23.91 36.25
N GLU A 1116 17.58 24.76 37.13
CA GLU A 1116 17.01 26.09 37.30
C GLU A 1116 17.07 26.90 36.02
N GLN A 1117 18.26 26.95 35.41
CA GLN A 1117 18.39 27.71 34.17
C GLN A 1117 17.70 27.02 33.00
N ALA A 1118 17.51 25.69 33.05
CA ALA A 1118 16.67 25.04 32.05
C ALA A 1118 15.22 25.49 32.19
N GLU A 1119 14.74 25.62 33.42
CA GLU A 1119 13.39 26.14 33.64
C GLU A 1119 13.26 27.57 33.11
N VAL A 1120 14.27 28.40 33.37
CA VAL A 1120 14.23 29.77 32.85
C VAL A 1120 14.24 29.76 31.32
N LEU A 1121 15.07 28.91 30.71
CA LEU A 1121 15.14 28.83 29.26
C LEU A 1121 13.80 28.42 28.67
N GLU A 1122 13.15 27.43 29.27
CA GLU A 1122 11.86 26.97 28.76
C GLU A 1122 10.74 27.94 29.09
N LYS A 1123 10.93 28.83 30.06
CA LYS A 1123 9.98 29.92 30.25
C LYS A 1123 10.16 31.01 29.20
N LEU A 1124 11.40 31.26 28.76
CA LEU A 1124 11.63 32.19 27.67
C LEU A 1124 11.37 31.58 26.30
N HIS A 1125 11.15 30.28 26.23
CA HIS A 1125 10.96 29.58 24.97
C HIS A 1125 9.54 29.75 24.44
N TYR A 1126 9.41 29.84 23.12
CA TYR A 1126 8.11 29.78 22.46
C TYR A 1126 8.30 29.23 21.05
N ILE A 1127 7.20 28.75 20.48
CA ILE A 1127 7.22 28.00 19.23
C ILE A 1127 6.31 28.69 18.22
N THR A 1128 6.83 28.92 17.02
CA THR A 1128 6.06 29.45 15.91
C THR A 1128 6.24 28.54 14.69
N GLN A 1129 5.35 28.72 13.72
CA GLN A 1129 5.44 27.99 12.46
C GLN A 1129 4.73 28.78 11.38
N ASN A 1130 5.27 28.74 10.16
CA ASN A 1130 4.67 29.46 9.04
C ASN A 1130 3.44 28.70 8.54
N ILE A 1131 2.34 29.43 8.37
CA ILE A 1131 1.13 28.91 7.75
C ILE A 1131 0.82 29.80 6.55
N SER A 1132 0.35 29.17 5.47
CA SER A 1132 0.17 29.89 4.22
C SER A 1132 -0.88 30.98 4.35
N VAL A 1133 -0.68 32.08 3.61
CA VAL A 1133 -1.63 33.19 3.63
C VAL A 1133 -2.98 32.74 3.09
N THR A 1134 -2.99 31.73 2.21
CA THR A 1134 -4.26 31.20 1.69
C THR A 1134 -5.14 30.63 2.78
N SER A 1135 -4.64 30.52 4.01
CA SER A 1135 -5.48 30.14 5.14
C SER A 1135 -6.53 31.17 5.47
N VAL A 1136 -6.39 32.40 4.96
CA VAL A 1136 -7.45 33.39 5.10
C VAL A 1136 -8.70 33.04 4.30
N TYR A 1137 -8.59 32.07 3.40
CA TYR A 1137 -9.68 31.66 2.53
C TYR A 1137 -10.16 30.27 2.93
N ASP A 1138 -11.46 30.12 3.12
CA ASP A 1138 -12.05 28.83 3.45
C ASP A 1138 -12.27 28.05 2.16
N ALA A 1139 -11.46 27.02 1.94
CA ALA A 1139 -11.57 26.22 0.73
C ALA A 1139 -12.81 25.34 0.70
N VAL A 1140 -13.49 25.16 1.83
CA VAL A 1140 -14.70 24.35 1.87
C VAL A 1140 -15.94 25.20 1.65
N ASN A 1141 -16.06 26.31 2.39
CA ASN A 1141 -17.19 27.22 2.25
C ASN A 1141 -17.03 28.16 1.06
N ARG A 1142 -15.85 28.19 0.44
CA ARG A 1142 -15.58 29.06 -0.71
C ARG A 1142 -15.81 30.53 -0.38
N GLN A 1143 -15.35 30.95 0.80
CA GLN A 1143 -15.45 32.34 1.21
C GLN A 1143 -14.29 32.65 2.14
N PHE A 1144 -14.00 33.94 2.28
CA PHE A 1144 -12.91 34.39 3.13
C PHE A 1144 -13.31 34.35 4.60
N LYS A 1145 -12.32 34.10 5.45
CA LYS A 1145 -12.53 34.17 6.89
C LYS A 1145 -12.69 35.62 7.32
N CYS A 1146 -13.00 35.82 8.60
CA CYS A 1146 -13.11 37.16 9.16
C CYS A 1146 -11.82 37.54 9.88
N ARG A 1147 -11.70 38.82 10.22
CA ARG A 1147 -10.51 39.29 10.91
C ARG A 1147 -10.40 38.70 12.32
N GLU A 1148 -11.53 38.47 13.00
CA GLU A 1148 -11.47 37.81 14.30
C GLU A 1148 -11.12 36.33 14.17
N GLU A 1149 -11.43 35.72 13.03
CA GLU A 1149 -11.08 34.32 12.79
C GLU A 1149 -9.68 34.17 12.21
N ILE A 1150 -9.07 35.25 11.73
CA ILE A 1150 -7.70 35.22 11.23
C ILE A 1150 -6.72 35.76 12.25
N LEU A 1151 -7.06 36.88 12.89
CA LEU A 1151 -6.20 37.55 13.86
C LEU A 1151 -6.57 37.21 15.29
N LYS A 1152 -7.02 35.98 15.54
CA LYS A 1152 -7.39 35.57 16.89
C LYS A 1152 -6.15 35.56 17.79
N ASP A 1153 -6.34 35.98 19.04
CA ASP A 1153 -5.23 36.14 19.96
C ASP A 1153 -4.60 34.81 20.36
N LYS A 1154 -5.29 33.69 20.14
CA LYS A 1154 -4.71 32.39 20.43
C LYS A 1154 -3.48 32.12 19.59
N ASP A 1155 -3.43 32.69 18.38
CA ASP A 1155 -2.36 32.42 17.43
C ASP A 1155 -1.21 33.41 17.53
N PHE A 1156 -1.27 34.39 18.43
CA PHE A 1156 -0.25 35.44 18.46
C PHE A 1156 0.21 35.84 19.86
N ASP A 1157 -0.35 35.26 20.91
CA ASP A 1157 -0.03 35.69 22.27
C ASP A 1157 0.90 34.70 22.95
N ILE A 1158 1.90 35.24 23.64
CA ILE A 1158 2.92 34.47 24.34
C ILE A 1158 2.82 34.82 25.83
N LYS A 1159 2.65 33.80 26.67
CA LYS A 1159 2.55 34.01 28.11
C LYS A 1159 3.93 33.98 28.74
N VAL A 1160 4.27 35.02 29.50
CA VAL A 1160 5.50 35.08 30.27
C VAL A 1160 5.13 34.88 31.72
N ASP A 1161 5.64 33.82 32.33
CA ASP A 1161 5.26 33.42 33.68
C ASP A 1161 6.49 33.08 34.51
N LEU A 1162 7.48 33.96 34.48
CA LEU A 1162 8.68 33.75 35.29
C LEU A 1162 8.33 33.90 36.77
N GLY A 1163 8.80 32.97 37.58
CA GLY A 1163 8.48 32.94 38.99
C GLY A 1163 9.24 34.00 39.77
N ASN A 1164 9.00 33.99 41.09
CA ASN A 1164 9.60 35.00 41.97
C ASN A 1164 11.12 34.91 41.97
N ARG A 1165 11.66 33.70 41.87
CA ARG A 1165 13.11 33.53 41.87
C ARG A 1165 13.76 33.76 40.51
N PHE A 1166 12.96 34.10 39.49
CA PHE A 1166 13.45 34.50 38.18
C PHE A 1166 12.99 35.92 37.86
N GLY A 1167 13.08 36.82 38.83
CA GLY A 1167 12.45 38.12 38.69
C GLY A 1167 10.98 38.05 39.06
N SER A 1168 10.17 38.88 38.40
CA SER A 1168 8.72 38.75 38.48
C SER A 1168 8.10 39.01 37.12
N ALA A 1169 8.70 38.47 36.05
CA ALA A 1169 8.19 38.70 34.71
C ALA A 1169 6.91 37.94 34.46
N LYS A 1170 5.77 38.57 34.72
CA LYS A 1170 4.46 37.97 34.48
C LYS A 1170 3.66 38.89 33.57
N GLY A 1171 3.19 38.33 32.47
CA GLY A 1171 2.44 39.14 31.50
C GLY A 1171 2.24 38.38 30.20
N LYS A 1172 1.85 39.13 29.17
CA LYS A 1172 1.56 38.56 27.87
C LYS A 1172 2.15 39.46 26.78
N ILE A 1173 2.72 38.84 25.76
CA ILE A 1173 3.37 39.53 24.66
C ILE A 1173 2.59 39.20 23.39
N THR A 1174 2.49 40.18 22.49
CA THR A 1174 1.89 39.97 21.18
C THR A 1174 3.00 39.68 20.17
N LEU A 1175 2.86 38.58 19.44
CA LEU A 1175 3.85 38.22 18.45
C LEU A 1175 3.88 39.27 17.34
N PRO A 1176 5.04 39.83 17.02
CA PRO A 1176 5.09 40.89 15.99
C PRO A 1176 4.65 40.42 14.62
N ALA A 1177 4.71 39.12 14.34
CA ALA A 1177 4.21 38.60 13.07
C ALA A 1177 2.73 38.89 12.86
N LYS A 1178 1.98 39.12 13.95
CA LYS A 1178 0.59 39.55 13.80
C LYS A 1178 0.50 40.85 13.01
N ARG A 1179 1.41 41.78 13.26
CA ARG A 1179 1.43 43.02 12.49
C ARG A 1179 1.72 42.77 11.02
N GLU A 1180 2.32 41.63 10.70
CA GLU A 1180 2.52 41.22 9.32
C GLU A 1180 1.31 40.48 8.76
N TRP A 1181 0.51 39.85 9.62
CA TRP A 1181 -0.78 39.32 9.17
C TRP A 1181 -1.77 40.44 8.90
N GLU A 1182 -1.81 41.44 9.77
CA GLU A 1182 -2.71 42.57 9.59
C GLU A 1182 -2.48 43.24 8.24
N LYS A 1183 -1.21 43.52 7.92
CA LYS A 1183 -0.89 44.10 6.63
C LYS A 1183 -1.40 43.24 5.48
N LEU A 1184 -1.39 41.92 5.65
CA LEU A 1184 -1.97 41.05 4.63
C LEU A 1184 -3.48 41.20 4.56
N VAL A 1185 -4.14 41.24 5.71
CA VAL A 1185 -5.59 41.35 5.73
C VAL A 1185 -6.04 42.74 5.28
N ASN A 1186 -5.31 43.77 5.71
CA ASN A 1186 -5.62 45.15 5.34
C ASN A 1186 -5.07 45.54 3.97
N ARG A 1187 -4.73 44.57 3.13
CA ARG A 1187 -4.27 44.88 1.79
C ARG A 1187 -5.41 45.42 0.94
N SER A 1188 -5.07 46.26 -0.04
CA SER A 1188 -6.08 46.87 -0.90
C SER A 1188 -6.85 45.81 -1.69
N GLU A 1189 -6.14 44.78 -2.17
CA GLU A 1189 -6.80 43.71 -2.90
C GLU A 1189 -7.66 42.83 -2.03
N LEU A 1190 -7.57 42.98 -0.69
CA LEU A 1190 -8.23 42.07 0.22
C LEU A 1190 -9.05 42.75 1.32
N LYS A 1191 -8.86 44.04 1.56
CA LYS A 1191 -9.52 44.69 2.69
C LYS A 1191 -11.04 44.66 2.59
N ASN A 1192 -11.59 44.46 1.40
CA ASN A 1192 -13.03 44.37 1.23
C ASN A 1192 -13.55 42.94 1.27
N LEU A 1193 -12.73 41.96 0.85
CA LEU A 1193 -13.19 40.59 0.82
C LEU A 1193 -13.25 39.97 2.21
N ILE A 1194 -12.26 40.22 3.06
CA ILE A 1194 -12.30 39.75 4.44
C ILE A 1194 -13.20 40.68 5.26
N LYS A 1195 -14.22 40.10 5.88
CA LYS A 1195 -15.12 40.85 6.75
C LYS A 1195 -14.46 41.04 8.12
N ASP A 1196 -15.14 41.79 8.98
CA ASP A 1196 -14.58 42.12 10.28
C ASP A 1196 -14.90 41.06 11.34
N LYS A 1197 -16.16 40.67 11.46
CA LYS A 1197 -16.59 39.75 12.51
C LYS A 1197 -17.38 38.59 11.89
N LEU A 1198 -17.67 37.60 12.73
CA LEU A 1198 -18.46 36.45 12.29
C LEU A 1198 -19.86 36.87 11.87
N SER A 1199 -20.51 37.74 12.66
CA SER A 1199 -21.84 38.21 12.30
C SER A 1199 -21.80 39.04 11.02
N ASP A 1200 -20.76 39.87 10.85
CA ASP A 1200 -20.61 40.64 9.62
C ASP A 1200 -20.42 39.69 8.43
N LYS A 1201 -19.60 38.66 8.59
CA LYS A 1201 -19.34 37.70 7.52
C LYS A 1201 -20.62 36.93 7.21
N GLY A 1202 -21.21 37.21 6.05
CA GLY A 1202 -22.44 36.57 5.62
C GLY A 1202 -22.20 35.37 4.73
N SER A 1203 -23.18 35.08 3.88
CA SER A 1203 -23.14 33.95 2.97
C SER A 1203 -22.48 34.28 1.63
N GLU A 1204 -21.81 35.44 1.53
CA GLU A 1204 -21.14 35.80 0.30
C GLU A 1204 -19.99 34.83 0.01
N LYS A 1205 -19.78 34.55 -1.26
CA LYS A 1205 -18.77 33.59 -1.69
C LYS A 1205 -17.89 34.20 -2.78
N THR A 1206 -16.63 33.75 -2.82
CA THR A 1206 -15.68 34.13 -3.86
C THR A 1206 -14.92 32.89 -4.27
N PRO A 1207 -15.40 32.17 -5.29
CA PRO A 1207 -14.78 30.88 -5.64
C PRO A 1207 -13.31 30.97 -5.99
N ASP A 1208 -12.86 32.07 -6.59
CA ASP A 1208 -11.48 32.20 -7.07
C ASP A 1208 -10.62 33.00 -6.10
N GLY A 1209 -10.86 32.86 -4.79
CA GLY A 1209 -10.04 33.58 -3.83
C GLY A 1209 -8.61 33.11 -3.77
N GLU A 1210 -8.38 31.81 -3.95
CA GLU A 1210 -7.03 31.26 -3.84
C GLU A 1210 -6.15 31.75 -4.99
N THR A 1211 -6.66 31.72 -6.21
CA THR A 1211 -5.90 32.26 -7.34
C THR A 1211 -5.72 33.77 -7.21
N LEU A 1212 -6.70 34.46 -6.62
CA LEU A 1212 -6.53 35.88 -6.35
C LEU A 1212 -5.34 36.12 -5.42
N ILE A 1213 -5.27 35.33 -4.33
CA ILE A 1213 -4.16 35.48 -3.38
C ILE A 1213 -2.83 35.19 -4.07
N TYR A 1214 -2.80 34.13 -4.89
CA TYR A 1214 -1.59 33.82 -5.65
C TYR A 1214 -1.16 35.02 -6.49
N ASP A 1215 -2.10 35.62 -7.22
CA ASP A 1215 -1.75 36.74 -8.09
C ASP A 1215 -1.33 37.98 -7.28
N ILE A 1216 -1.86 38.13 -6.05
CA ILE A 1216 -1.33 39.18 -5.17
C ILE A 1216 0.13 38.91 -4.83
N PHE A 1217 0.45 37.67 -4.49
CA PHE A 1217 1.79 37.36 -4.02
C PHE A 1217 2.74 36.88 -5.13
N ARG A 1218 2.25 36.72 -6.35
CA ARG A 1218 3.08 36.27 -7.47
C ARG A 1218 3.94 37.46 -7.91
N SER A 1219 5.14 37.56 -7.36
CA SER A 1219 6.05 38.65 -7.68
C SER A 1219 6.84 38.33 -8.94
N ILE A 1220 7.24 39.37 -9.66
CA ILE A 1220 7.87 39.21 -10.97
C ILE A 1220 9.35 39.57 -10.88
N PRO A 1221 10.23 38.61 -10.69
CA PRO A 1221 11.67 38.91 -10.69
C PRO A 1221 12.24 38.98 -12.10
N VAL A 1222 13.39 39.64 -12.20
CA VAL A 1222 14.10 39.69 -13.47
C VAL A 1222 14.78 38.34 -13.71
N GLN A 1223 14.83 37.93 -14.99
CA GLN A 1223 15.42 36.64 -15.36
C GLN A 1223 16.94 36.76 -15.35
N LYS A 1224 17.50 36.94 -14.15
CA LYS A 1224 18.93 36.99 -14.00
C LYS A 1224 19.56 35.61 -14.11
N LEU A 1225 18.91 34.59 -13.55
CA LEU A 1225 19.40 33.23 -13.58
C LEU A 1225 18.37 32.33 -14.26
N SER A 1226 18.84 31.50 -15.19
CA SER A 1226 17.96 30.57 -15.90
C SER A 1226 17.62 29.34 -15.07
N HIS A 1227 18.35 29.09 -13.98
CA HIS A 1227 18.13 27.93 -13.12
C HIS A 1227 17.51 28.35 -11.80
N LYS A 1228 16.61 29.32 -11.83
CA LYS A 1228 15.95 29.79 -10.61
C LYS A 1228 14.77 28.91 -10.26
N ALA A 1229 14.45 28.85 -8.97
CA ALA A 1229 13.32 28.08 -8.48
C ALA A 1229 12.06 28.93 -8.49
N THR A 1230 10.93 28.27 -8.75
CA THR A 1230 9.64 28.94 -8.73
C THR A 1230 9.03 28.88 -7.33
N ARG A 1231 8.25 29.90 -7.00
CA ARG A 1231 7.59 29.99 -5.70
C ARG A 1231 6.08 30.00 -5.91
N ARG A 1232 5.37 29.16 -5.16
CA ARG A 1232 3.92 29.15 -5.24
C ARG A 1232 3.25 29.03 -3.87
N VAL A 1233 4.00 29.15 -2.78
CA VAL A 1233 3.44 29.17 -1.43
C VAL A 1233 4.05 30.35 -0.69
N TRP A 1234 3.18 31.22 -0.16
CA TRP A 1234 3.59 32.36 0.65
C TRP A 1234 2.90 32.24 2.01
N SER A 1235 3.68 32.40 3.08
CA SER A 1235 3.20 32.09 4.42
C SER A 1235 3.66 33.14 5.40
N LEU A 1236 3.00 33.17 6.55
CA LEU A 1236 3.37 34.04 7.66
C LEU A 1236 3.35 33.22 8.95
N PRO A 1237 4.17 33.60 9.93
CA PRO A 1237 4.24 32.79 11.16
C PRO A 1237 3.02 32.95 12.05
N LYS A 1238 2.76 31.90 12.83
CA LYS A 1238 1.72 31.90 13.84
C LYS A 1238 2.19 31.00 14.98
N ILE A 1239 1.46 31.05 16.09
CA ILE A 1239 1.71 30.15 17.22
C ILE A 1239 0.86 28.91 17.00
N PRO A 1240 1.46 27.75 16.72
CA PRO A 1240 0.69 26.55 16.42
C PRO A 1240 0.37 25.74 17.67
N SER A 1241 -0.50 24.76 17.49
CA SER A 1241 -0.88 23.84 18.56
C SER A 1241 0.11 22.69 18.58
N ILE A 1242 1.12 22.78 19.45
CA ILE A 1242 2.15 21.77 19.52
C ILE A 1242 1.62 20.51 20.20
N SER A 1243 2.34 19.40 20.01
CA SER A 1243 1.97 18.13 20.65
C SER A 1243 3.22 17.26 20.71
N SER A 1244 3.78 17.11 21.91
CA SER A 1244 4.93 16.24 22.17
C SER A 1244 6.12 16.63 21.28
N GLY A 1245 6.61 17.85 21.52
CA GLY A 1245 7.74 18.34 20.76
C GLY A 1245 9.02 17.59 21.08
N VAL A 1246 9.78 17.30 20.04
CA VAL A 1246 11.09 16.66 20.17
C VAL A 1246 12.07 17.40 19.29
N ARG A 1247 13.19 17.81 19.88
CA ARG A 1247 14.24 18.53 19.17
C ARG A 1247 15.33 17.53 18.77
N ILE A 1248 15.62 17.46 17.48
CA ILE A 1248 16.56 16.50 16.91
C ILE A 1248 17.80 17.27 16.47
N LYS A 1249 18.96 16.72 16.83
CA LYS A 1249 20.25 17.28 16.43
C LYS A 1249 20.80 16.49 15.25
N ARG A 1250 21.15 17.20 14.18
CA ARG A 1250 21.68 16.62 12.96
C ARG A 1250 22.90 17.43 12.53
N LYS A 1251 23.48 17.05 11.40
CA LYS A 1251 24.66 17.72 10.86
C LYS A 1251 24.34 18.29 9.48
N ASP A 1252 24.82 19.49 9.21
CA ASP A 1252 24.69 20.09 7.89
C ASP A 1252 25.83 19.60 7.02
N SER A 1253 25.96 20.17 5.81
CA SER A 1253 27.06 19.79 4.94
C SER A 1253 28.42 20.19 5.50
N ASN A 1254 28.47 21.19 6.38
CA ASN A 1254 29.71 21.65 6.96
C ASN A 1254 30.03 21.00 8.30
N GLY A 1255 29.18 20.10 8.78
CA GLY A 1255 29.44 19.39 10.03
C GLY A 1255 29.02 20.11 11.29
N ASN A 1256 28.30 21.23 11.19
CA ASN A 1256 27.83 21.93 12.37
C ASN A 1256 26.59 21.24 12.93
N ASP A 1257 26.16 21.68 14.11
CA ASP A 1257 25.00 21.11 14.77
C ASP A 1257 23.75 21.88 14.39
N ILE A 1258 22.76 21.16 13.86
CA ILE A 1258 21.48 21.74 13.46
C ILE A 1258 20.40 21.14 14.34
N TYR A 1259 19.62 21.99 14.97
CA TYR A 1259 18.54 21.57 15.85
C TYR A 1259 17.20 21.86 15.18
N GLN A 1260 16.37 20.84 15.03
CA GLN A 1260 15.07 20.99 14.40
C GLN A 1260 13.99 20.32 15.24
N LEU A 1261 12.87 21.01 15.42
CA LEU A 1261 11.82 20.56 16.32
C LEU A 1261 10.69 19.92 15.53
N TYR A 1262 10.37 18.68 15.87
CA TYR A 1262 9.29 17.92 15.27
C TYR A 1262 8.26 17.59 16.34
N MET A 1263 7.16 16.99 15.92
CA MET A 1263 6.15 16.47 16.84
C MET A 1263 6.18 14.95 16.81
N LEU A 1264 6.11 14.34 18.00
CA LEU A 1264 6.08 12.88 18.09
C LEU A 1264 4.79 12.35 17.49
N ASN A 1265 4.93 11.28 16.69
CA ASN A 1265 3.78 10.67 16.04
C ASN A 1265 3.08 9.64 16.91
N ASP A 1266 3.74 9.14 17.96
CA ASP A 1266 3.19 8.07 18.76
C ASP A 1266 3.38 8.30 20.26
N THR A 1267 3.16 7.27 21.05
CA THR A 1267 3.25 7.37 22.51
C THR A 1267 4.63 7.84 22.94
N LYS A 1268 4.64 8.77 23.90
CA LYS A 1268 5.86 9.32 24.46
C LYS A 1268 6.22 8.72 25.81
N CYS A 1269 5.24 8.46 26.67
CA CYS A 1269 5.47 7.95 28.00
C CYS A 1269 5.16 6.46 28.06
N LYS A 1270 6.12 5.68 28.58
CA LYS A 1270 5.98 4.24 28.66
C LYS A 1270 5.32 3.76 29.93
N GLY A 1271 5.10 4.62 30.91
CA GLY A 1271 4.53 4.21 32.16
C GLY A 1271 4.71 5.29 33.21
N PHE A 1272 4.38 4.93 34.45
CA PHE A 1272 4.53 5.82 35.60
C PHE A 1272 5.40 5.15 36.64
N VAL A 1273 6.40 5.90 37.14
CA VAL A 1273 7.36 5.33 38.06
C VAL A 1273 6.68 4.96 39.37
N VAL A 1274 7.18 3.90 40.01
CA VAL A 1274 6.67 3.41 41.28
C VAL A 1274 7.84 3.27 42.24
N ASN A 1275 7.70 3.84 43.43
CA ASN A 1275 8.76 3.78 44.43
C ASN A 1275 8.78 2.39 45.08
N GLU A 1276 9.69 2.23 46.05
CA GLU A 1276 9.81 0.94 46.74
C GLU A 1276 8.55 0.63 47.55
N LYS A 1277 7.84 1.64 48.01
CA LYS A 1277 6.64 1.44 48.82
C LYS A 1277 5.42 1.07 47.99
N GLY A 1278 5.51 1.11 46.66
CA GLY A 1278 4.38 0.80 45.82
C GLY A 1278 3.50 1.97 45.45
N VAL A 1279 3.97 3.20 45.63
CA VAL A 1279 3.20 4.40 45.33
C VAL A 1279 3.52 4.85 43.91
N ILE A 1280 2.48 5.10 43.13
CA ILE A 1280 2.63 5.51 41.74
C ILE A 1280 2.74 7.02 41.68
N ASP A 1281 3.76 7.51 40.96
CA ASP A 1281 3.96 8.95 40.76
C ASP A 1281 3.25 9.35 39.47
N TRP A 1282 2.05 9.90 39.59
CA TRP A 1282 1.24 10.26 38.43
C TRP A 1282 1.67 11.56 37.77
N SER A 1283 2.49 12.37 38.43
CA SER A 1283 2.85 13.69 37.93
C SER A 1283 4.18 13.71 37.19
N SER A 1284 4.83 12.57 37.01
CA SER A 1284 6.12 12.51 36.34
C SER A 1284 5.98 11.85 34.98
N ASP A 1285 6.66 12.42 33.98
CA ASP A 1285 6.65 11.88 32.62
C ASP A 1285 7.82 10.92 32.49
N LEU A 1286 7.52 9.64 32.29
CA LEU A 1286 8.54 8.61 32.09
C LEU A 1286 8.62 8.33 30.60
N VAL A 1287 9.52 9.04 29.92
CA VAL A 1287 9.65 8.93 28.48
C VAL A 1287 10.19 7.55 28.11
N ALA A 1288 9.67 7.01 27.00
CA ALA A 1288 10.11 5.70 26.53
C ALA A 1288 11.59 5.73 26.16
N ASP A 1289 12.25 4.58 26.28
CA ASP A 1289 13.70 4.51 26.14
C ASP A 1289 14.18 4.78 24.72
N LEU A 1290 13.30 4.64 23.72
CA LEU A 1290 13.73 4.89 22.35
C LEU A 1290 13.97 6.38 22.08
N TYR A 1291 13.35 7.26 22.87
CA TYR A 1291 13.55 8.70 22.72
C TYR A 1291 14.76 9.21 23.49
N LYS A 1292 15.38 8.39 24.34
CA LYS A 1292 16.51 8.81 25.15
C LYS A 1292 17.82 8.55 24.39
N GLN A 1293 17.99 9.29 23.32
CA GLN A 1293 19.18 9.26 22.48
C GLN A 1293 19.96 10.55 22.60
N PRO A 1294 21.27 10.53 22.34
CA PRO A 1294 22.06 11.76 22.46
C PRO A 1294 21.65 12.86 21.50
N THR A 1295 20.94 12.53 20.42
CA THR A 1295 20.50 13.51 19.43
C THR A 1295 19.02 13.86 19.56
N LEU A 1296 18.37 13.43 20.64
CA LEU A 1296 16.95 13.67 20.85
C LEU A 1296 16.74 14.41 22.17
N THR A 1297 15.86 15.40 22.16
CA THR A 1297 15.52 16.16 23.36
C THR A 1297 14.02 16.38 23.40
N ILE A 1298 13.32 15.65 24.28
CA ILE A 1298 11.89 15.86 24.44
C ILE A 1298 11.65 17.20 25.11
N LEU A 1299 10.76 18.01 24.54
CA LEU A 1299 10.49 19.33 25.08
C LEU A 1299 9.94 19.23 26.49
N ASN A 1300 10.42 20.12 27.36
CA ASN A 1300 10.06 20.19 28.78
C ASN A 1300 10.40 18.92 29.53
N GLY A 1301 11.14 18.00 28.92
CA GLY A 1301 11.48 16.75 29.55
C GLY A 1301 12.75 16.86 30.39
N ARG A 1302 12.75 16.11 31.49
CA ARG A 1302 13.87 16.10 32.42
C ARG A 1302 14.21 14.65 32.75
N TYR A 1303 15.45 14.45 33.23
CA TYR A 1303 15.89 13.11 33.59
C TYR A 1303 15.03 12.56 34.72
N LEU A 1304 14.68 11.27 34.60
CA LEU A 1304 13.83 10.60 35.58
C LEU A 1304 14.33 9.17 35.75
N LYS A 1305 14.79 8.84 36.95
CA LYS A 1305 15.21 7.48 37.25
C LYS A 1305 14.00 6.61 37.53
N ALA A 1306 14.00 5.40 36.96
CA ALA A 1306 12.87 4.47 37.09
C ALA A 1306 13.42 3.05 37.21
N ASP A 1307 13.58 2.60 38.44
CA ASP A 1307 13.91 1.20 38.67
C ASP A 1307 12.65 0.33 38.70
N GLN A 1308 11.55 0.88 39.23
CA GLN A 1308 10.27 0.21 39.26
C GLN A 1308 9.21 1.15 38.71
N TYR A 1309 8.39 0.65 37.79
CA TYR A 1309 7.33 1.46 37.20
C TYR A 1309 6.18 0.55 36.79
N VAL A 1310 5.01 1.17 36.60
CA VAL A 1310 3.82 0.49 36.11
C VAL A 1310 3.61 0.89 34.67
N ARG A 1311 3.47 -0.11 33.80
CA ARG A 1311 3.30 0.12 32.37
C ARG A 1311 1.92 0.70 32.08
N MET A 1312 1.82 1.36 30.94
CA MET A 1312 0.56 1.96 30.52
C MET A 1312 -0.48 0.91 30.17
N ASP A 1313 -0.06 -0.32 29.88
CA ASP A 1313 -0.96 -1.41 29.53
C ASP A 1313 -1.50 -2.15 30.74
N GLN A 1314 -0.85 -2.03 31.90
CA GLN A 1314 -1.16 -2.86 33.06
C GLN A 1314 -2.54 -2.53 33.60
N TRP A 1315 -3.49 -3.44 33.41
CA TRP A 1315 -4.85 -3.27 33.91
C TRP A 1315 -4.98 -3.80 35.33
N TYR A 1316 -5.87 -3.19 36.09
CA TYR A 1316 -6.25 -3.68 37.41
C TYR A 1316 -7.71 -3.35 37.66
N GLU A 1317 -8.42 -4.24 38.34
CA GLU A 1317 -9.79 -3.98 38.74
C GLU A 1317 -9.76 -3.12 40.00
N VAL A 1318 -10.18 -1.86 39.87
CA VAL A 1318 -10.05 -0.90 40.94
C VAL A 1318 -11.22 -1.06 41.90
N ASP A 1319 -11.08 -0.46 43.09
CA ASP A 1319 -12.05 -0.59 44.18
C ASP A 1319 -13.29 0.24 43.84
N CYS A 1320 -14.18 -0.34 43.05
CA CYS A 1320 -15.44 0.30 42.73
C CYS A 1320 -16.34 0.36 43.96
N GLY A 1321 -17.23 1.35 43.99
CA GLY A 1321 -18.12 1.54 45.11
C GLY A 1321 -19.39 0.75 45.08
N ARG A 1322 -19.54 -0.17 44.13
CA ARG A 1322 -20.77 -0.94 44.00
C ARG A 1322 -20.44 -2.32 43.43
N ASP A 1323 -21.34 -3.26 43.69
CA ASP A 1323 -21.22 -4.63 43.17
C ASP A 1323 -22.04 -4.82 41.90
N ASP A 1324 -22.81 -3.82 41.47
CA ASP A 1324 -23.61 -3.97 40.27
C ASP A 1324 -22.74 -4.01 39.02
N VAL A 1325 -21.66 -3.22 39.00
CA VAL A 1325 -20.76 -3.15 37.86
C VAL A 1325 -19.35 -3.47 38.35
N ILE A 1326 -18.49 -3.88 37.43
CA ILE A 1326 -17.08 -4.08 37.72
C ILE A 1326 -16.25 -3.25 36.74
N VAL A 1327 -15.38 -2.42 37.29
CA VAL A 1327 -14.59 -1.48 36.49
C VAL A 1327 -13.11 -1.77 36.69
N LYS A 1328 -12.37 -1.74 35.59
CA LYS A 1328 -10.92 -1.89 35.58
C LYS A 1328 -10.29 -0.62 35.02
N MET A 1329 -9.10 -0.31 35.50
CA MET A 1329 -8.37 0.86 35.05
C MET A 1329 -6.98 0.44 34.59
N CYS A 1330 -6.46 1.18 33.62
CA CYS A 1330 -5.04 1.14 33.33
C CYS A 1330 -4.58 2.55 33.00
N PRO A 1331 -3.32 2.87 33.27
CA PRO A 1331 -2.85 4.24 32.98
C PRO A 1331 -3.06 4.64 31.53
N GLY A 1332 -2.76 3.75 30.59
CA GLY A 1332 -3.12 3.98 29.19
C GLY A 1332 -2.31 5.06 28.52
N THR A 1333 -2.52 6.30 28.93
CA THR A 1333 -1.82 7.46 28.37
C THR A 1333 -1.38 8.35 29.52
N SER A 1334 -0.47 9.27 29.21
CA SER A 1334 0.09 10.13 30.24
C SER A 1334 -0.98 11.02 30.88
N GLY A 1335 -1.91 11.53 30.08
CA GLY A 1335 -2.91 12.45 30.59
C GLY A 1335 -4.30 11.87 30.74
N ARG A 1336 -4.56 10.74 30.10
CA ARG A 1336 -5.90 10.15 30.10
C ARG A 1336 -5.82 8.69 30.49
N ARG A 1337 -6.57 8.30 31.52
CA ARG A 1337 -6.65 6.91 31.91
C ARG A 1337 -7.52 6.12 30.94
N TYR A 1338 -7.40 4.80 31.01
CA TYR A 1338 -8.23 3.89 30.23
C TYR A 1338 -9.14 3.14 31.18
N ILE A 1339 -10.45 3.22 30.94
CA ILE A 1339 -11.48 2.69 31.82
C ILE A 1339 -12.24 1.60 31.07
N GLU A 1340 -12.31 0.41 31.66
CA GLU A 1340 -13.10 -0.69 31.11
C GLU A 1340 -14.20 -1.03 32.10
N ILE A 1341 -15.44 -1.05 31.63
CA ILE A 1341 -16.60 -1.28 32.48
C ILE A 1341 -17.35 -2.51 31.97
N THR A 1342 -17.64 -3.43 32.89
CA THR A 1342 -18.54 -4.54 32.63
C THR A 1342 -19.77 -4.34 33.51
N GLN A 1343 -20.94 -4.27 32.88
CA GLN A 1343 -22.17 -3.93 33.57
C GLN A 1343 -23.35 -4.44 32.76
N SER A 1344 -24.49 -4.57 33.43
CA SER A 1344 -25.71 -4.96 32.74
C SER A 1344 -26.04 -3.95 31.64
N LYS A 1345 -26.50 -4.47 30.50
CA LYS A 1345 -26.86 -3.57 29.39
C LYS A 1345 -28.00 -2.64 29.77
N LYS A 1346 -28.89 -3.09 30.65
CA LYS A 1346 -29.92 -2.20 31.17
C LYS A 1346 -29.29 -1.04 31.94
N GLN A 1347 -28.23 -1.32 32.68
CA GLN A 1347 -27.53 -0.25 33.38
C GLN A 1347 -26.88 0.73 32.39
N PHE A 1348 -26.38 0.22 31.27
CA PHE A 1348 -25.78 1.12 30.28
C PHE A 1348 -26.83 1.97 29.59
N GLU A 1349 -28.01 1.40 29.32
CA GLU A 1349 -29.10 2.15 28.70
C GLU A 1349 -29.84 3.05 29.69
N ASP A 1350 -29.65 2.84 30.99
CA ASP A 1350 -30.20 3.73 31.99
C ASP A 1350 -29.26 4.87 32.32
N TRP A 1351 -27.96 4.56 32.45
CA TRP A 1351 -26.97 5.61 32.67
C TRP A 1351 -26.93 6.58 31.50
N THR A 1352 -26.95 6.05 30.28
CA THR A 1352 -26.81 6.84 29.08
C THR A 1352 -28.13 6.86 28.31
N GLY A 1353 -28.40 7.98 27.63
CA GLY A 1353 -29.57 8.08 26.80
C GLY A 1353 -29.38 7.41 25.45
N TYR A 1354 -28.80 6.21 25.46
CA TYR A 1354 -28.50 5.46 24.25
C TYR A 1354 -29.56 4.39 24.05
N ILE A 1355 -30.19 4.40 22.88
CA ILE A 1355 -31.27 3.48 22.56
C ILE A 1355 -30.92 2.78 21.24
N SER A 1356 -31.05 1.46 21.22
CA SER A 1356 -30.80 0.68 20.02
C SER A 1356 -31.63 -0.59 20.08
N GLY A 1357 -31.75 -1.26 18.94
CA GLY A 1357 -32.55 -2.46 18.84
C GLY A 1357 -31.88 -3.65 19.45
N SER A 1358 -31.80 -3.68 20.79
CA SER A 1358 -31.12 -4.71 21.56
C SER A 1358 -29.63 -4.72 21.26
N PHE A 1359 -28.87 -5.56 21.97
CA PHE A 1359 -27.43 -5.60 21.75
C PHE A 1359 -27.06 -6.14 20.39
N TRP A 1360 -27.98 -6.81 19.69
CA TRP A 1360 -27.68 -7.29 18.35
C TRP A 1360 -27.46 -6.12 17.39
N ASN A 1361 -28.16 -5.01 17.58
CA ASN A 1361 -28.03 -3.83 16.73
C ASN A 1361 -26.95 -2.88 17.20
N TYR A 1362 -26.29 -3.17 18.31
CA TYR A 1362 -25.25 -2.29 18.82
C TYR A 1362 -24.06 -2.26 17.87
N PRO A 1363 -23.41 -1.11 17.74
CA PRO A 1363 -22.16 -1.05 16.99
C PRO A 1363 -20.96 -1.35 17.89
N VAL A 1364 -19.84 -1.68 17.26
CA VAL A 1364 -18.62 -1.92 18.01
C VAL A 1364 -18.14 -0.63 18.67
N THR A 1365 -18.18 0.48 17.93
CA THR A 1365 -17.80 1.78 18.44
C THR A 1365 -19.05 2.65 18.58
N ILE A 1366 -19.27 3.19 19.76
CA ILE A 1366 -20.44 3.98 20.08
C ILE A 1366 -20.01 5.43 20.25
N LYS A 1367 -20.67 6.34 19.54
CA LYS A 1367 -20.40 7.77 19.60
C LYS A 1367 -21.51 8.41 20.43
N LEU A 1368 -21.20 8.74 21.68
CA LEU A 1368 -22.17 9.36 22.57
C LEU A 1368 -22.24 10.86 22.33
N SER A 1369 -23.45 11.39 22.21
CA SER A 1369 -23.64 12.82 22.10
C SER A 1369 -23.36 13.50 23.44
N SER A 1370 -23.20 14.83 23.40
CA SER A 1370 -22.89 15.57 24.61
C SER A 1370 -23.97 15.38 25.67
N GLN A 1371 -25.24 15.34 25.26
CA GLN A 1371 -26.31 15.03 26.19
C GLN A 1371 -26.15 13.63 26.75
N GLN A 1372 -25.80 12.65 25.90
CA GLN A 1372 -25.56 11.30 26.39
C GLN A 1372 -24.37 11.24 27.33
N ILE A 1373 -23.32 12.00 27.04
CA ILE A 1373 -22.17 12.05 27.95
C ILE A 1373 -22.57 12.62 29.30
N ALA A 1374 -23.35 13.71 29.30
CA ALA A 1374 -23.80 14.30 30.56
C ALA A 1374 -24.69 13.33 31.33
N ASN A 1375 -25.58 12.64 30.63
CA ASN A 1375 -26.43 11.64 31.27
C ASN A 1375 -25.59 10.53 31.90
N PHE A 1376 -24.60 10.05 31.15
CA PHE A 1376 -23.73 8.98 31.66
C PHE A 1376 -22.97 9.42 32.90
N VAL A 1377 -22.44 10.65 32.87
CA VAL A 1377 -21.71 11.16 34.03
C VAL A 1377 -22.63 11.30 35.24
N LYS A 1378 -23.80 11.90 35.04
CA LYS A 1378 -24.68 12.18 36.17
C LYS A 1378 -25.42 10.96 36.68
N ASN A 1379 -25.53 9.90 35.89
CA ASN A 1379 -26.24 8.70 36.30
C ASN A 1379 -25.32 7.59 36.78
N SER A 1380 -24.06 7.56 36.33
CA SER A 1380 -23.11 6.59 36.86
C SER A 1380 -22.87 6.83 38.35
N GLN A 1381 -23.03 8.07 38.81
CA GLN A 1381 -22.80 8.44 40.20
C GLN A 1381 -21.41 8.00 40.65
N MET A 1382 -20.43 8.17 39.77
CA MET A 1382 -19.06 7.76 40.03
C MET A 1382 -18.13 8.63 39.21
N PRO A 1383 -17.52 9.65 39.82
CA PRO A 1383 -16.41 10.36 39.16
C PRO A 1383 -15.19 9.48 38.98
N LEU A 1384 -15.21 8.27 39.55
CA LEU A 1384 -14.12 7.32 39.36
C LEU A 1384 -13.99 6.90 37.91
N LEU A 1385 -15.08 6.95 37.15
CA LEU A 1385 -15.08 6.55 35.75
C LEU A 1385 -15.12 7.71 34.76
N GLY A 1386 -15.47 8.91 35.21
CA GLY A 1386 -15.40 10.08 34.34
C GLY A 1386 -16.34 9.98 33.15
N LYS A 1387 -15.84 10.40 31.99
CA LYS A 1387 -16.60 10.40 30.75
C LYS A 1387 -15.70 9.98 29.60
N PRO A 1388 -16.26 9.35 28.57
CA PRO A 1388 -15.44 8.95 27.42
C PRO A 1388 -14.89 10.14 26.66
N ARG A 1389 -13.72 9.94 26.05
CA ARG A 1389 -13.10 10.94 25.21
C ARG A 1389 -13.95 11.13 23.96
N SER A 1390 -14.53 12.32 23.80
CA SER A 1390 -15.39 12.65 22.67
C SER A 1390 -16.59 11.70 22.57
N GLY A 1391 -16.98 11.11 23.69
CA GLY A 1391 -18.08 10.17 23.70
C GLY A 1391 -17.82 8.89 22.94
N GLN A 1392 -16.56 8.46 22.86
CA GLN A 1392 -16.18 7.26 22.13
C GLN A 1392 -16.11 6.09 23.09
N ILE A 1393 -16.88 5.05 22.80
CA ILE A 1393 -16.91 3.83 23.60
C ILE A 1393 -16.59 2.65 22.69
N THR A 1394 -15.64 1.82 23.09
CA THR A 1394 -15.25 0.65 22.31
C THR A 1394 -15.78 -0.59 23.03
N VAL A 1395 -16.80 -1.23 22.44
CA VAL A 1395 -17.45 -2.37 23.06
C VAL A 1395 -16.58 -3.62 22.87
N ILE A 1396 -16.44 -4.39 23.94
CA ILE A 1396 -15.68 -5.63 23.91
C ILE A 1396 -16.60 -6.84 23.78
N THR A 1397 -17.59 -6.96 24.66
CA THR A 1397 -18.58 -8.02 24.59
C THR A 1397 -19.97 -7.45 24.72
N LEU A 1398 -20.93 -8.07 24.03
CA LEU A 1398 -22.31 -7.61 24.02
C LEU A 1398 -23.22 -8.71 24.55
N GLY A 1399 -24.38 -8.30 25.02
CA GLY A 1399 -25.38 -9.22 25.54
C GLY A 1399 -26.21 -8.54 26.61
N ASN A 1400 -26.79 -9.36 27.48
CA ASN A 1400 -27.47 -8.82 28.65
C ASN A 1400 -26.51 -8.09 29.56
N THR A 1401 -25.23 -8.47 29.54
CA THR A 1401 -24.18 -7.79 30.29
C THR A 1401 -23.13 -7.30 29.29
N LEU A 1402 -23.11 -5.99 29.07
CA LEU A 1402 -22.12 -5.37 28.19
C LEU A 1402 -20.76 -5.30 28.89
N LYS A 1403 -19.71 -5.34 28.08
CA LYS A 1403 -18.35 -5.07 28.50
C LYS A 1403 -17.71 -4.17 27.46
N TYR A 1404 -17.29 -2.97 27.89
CA TYR A 1404 -16.75 -1.99 26.96
C TYR A 1404 -15.56 -1.30 27.62
N TRP A 1405 -14.86 -0.49 26.83
CA TRP A 1405 -13.76 0.31 27.36
C TRP A 1405 -13.71 1.62 26.61
N TYR A 1406 -13.08 2.61 27.23
CA TYR A 1406 -12.94 3.93 26.64
C TYR A 1406 -11.73 4.63 27.23
N CYS A 1407 -11.33 5.70 26.56
CA CYS A 1407 -10.33 6.64 27.05
C CYS A 1407 -11.06 7.83 27.66
N VAL A 1408 -10.66 8.21 28.88
CA VAL A 1408 -11.38 9.25 29.59
C VAL A 1408 -11.14 10.61 28.93
N GLU A 1409 -12.11 11.51 29.09
CA GLU A 1409 -11.93 12.88 28.59
C GLU A 1409 -10.78 13.58 29.32
N SER A 1410 -10.69 13.40 30.63
CA SER A 1410 -9.62 13.97 31.43
C SER A 1410 -9.48 13.15 32.71
N LYS A 1411 -8.24 12.96 33.14
CA LYS A 1411 -7.97 12.18 34.34
C LYS A 1411 -8.50 12.90 35.57
N ASN A 1412 -8.83 12.11 36.60
CA ASN A 1412 -9.31 12.63 37.88
C ASN A 1412 -8.39 12.15 38.98
N SER A 1413 -8.48 12.83 40.14
CA SER A 1413 -7.77 12.37 41.32
C SER A 1413 -8.31 11.04 41.83
N MET A 1414 -9.63 10.84 41.72
CA MET A 1414 -10.24 9.60 42.16
C MET A 1414 -9.82 8.42 41.29
N MET A 1415 -9.67 8.64 39.98
CA MET A 1415 -9.17 7.60 39.10
C MET A 1415 -7.80 7.12 39.56
N ASN A 1416 -6.88 8.06 39.75
CA ASN A 1416 -5.54 7.72 40.19
C ASN A 1416 -5.55 7.07 41.56
N GLU A 1417 -6.39 7.56 42.46
CA GLU A 1417 -6.46 7.00 43.81
C GLU A 1417 -6.91 5.54 43.79
N ALA A 1418 -7.95 5.24 43.02
CA ALA A 1418 -8.45 3.87 42.98
C ALA A 1418 -7.47 2.94 42.27
N TYR A 1419 -6.87 3.39 41.17
CA TYR A 1419 -5.88 2.55 40.52
C TYR A 1419 -4.67 2.34 41.41
N GLN A 1420 -4.29 3.36 42.19
CA GLN A 1420 -3.20 3.21 43.14
C GLN A 1420 -3.56 2.21 44.22
N LYS A 1421 -4.81 2.22 44.69
CA LYS A 1421 -5.24 1.23 45.68
C LYS A 1421 -5.14 -0.18 45.11
N ALA A 1422 -5.63 -0.39 43.89
CA ALA A 1422 -5.57 -1.72 43.29
C ALA A 1422 -4.12 -2.15 43.05
N TYR A 1423 -3.29 -1.24 42.55
CA TYR A 1423 -1.89 -1.56 42.31
C TYR A 1423 -1.15 -1.86 43.60
N LEU A 1424 -1.47 -1.13 44.68
CA LEU A 1424 -0.87 -1.39 45.97
C LEU A 1424 -1.29 -2.76 46.50
N VAL A 1425 -2.56 -3.13 46.30
CA VAL A 1425 -3.01 -4.46 46.71
C VAL A 1425 -2.22 -5.53 45.99
N HIS A 1426 -2.09 -5.40 44.67
CA HIS A 1426 -1.34 -6.40 43.90
C HIS A 1426 0.14 -6.39 44.29
N PHE A 1427 0.70 -5.21 44.53
CA PHE A 1427 2.11 -5.10 44.87
C PHE A 1427 2.40 -5.76 46.21
N ASN A 1428 1.54 -5.51 47.21
CA ASN A 1428 1.73 -6.13 48.52
C ASN A 1428 1.51 -7.64 48.44
N GLN A 1429 0.52 -8.08 47.67
CA GLN A 1429 0.35 -9.52 47.46
C GLN A 1429 1.38 -10.12 46.52
N LYS A 1430 2.18 -9.27 45.84
CA LYS A 1430 3.21 -9.71 44.91
C LYS A 1430 2.66 -10.61 43.82
MG MG E . 19.00 20.30 -0.30
MG MG F . 13.11 30.15 4.05
MG MG G . 25.02 -8.13 -8.56
MG MG H . 17.28 -15.75 -19.76
#